data_9OD3
#
_entry.id   9OD3
#
_cell.length_a   1.00
_cell.length_b   1.00
_cell.length_c   1.00
_cell.angle_alpha   90.00
_cell.angle_beta   90.00
_cell.angle_gamma   90.00
#
_symmetry.space_group_name_H-M   'P 1'
#
loop_
_entity.id
_entity.type
_entity.pdbx_description
1 polymer VP1
2 polymer VP2
3 polymer VP3
4 polymer VP4
5 polymer '6B5 Heavy Chain'
6 polymer '6B5 Light Chain'
7 non-polymer 'PALMITIC ACID'
#
loop_
_entity_poly.entity_id
_entity_poly.type
_entity_poly.pdbx_seq_one_letter_code
_entity_poly.pdbx_strand_id
1 'polypeptide(L)'
;GIEDLISEVAQGALTLSLPKQQDSLPDTKASGPAHSKEVPALTAVETGATNPLAPSDTVQTRHVVQRRSRSESTIESFFA
RGACVAIIEVDNEQPTTRAQKLFAMWRITYKDTVQLRRKLEFFTYSRFDMEFTFVVTANFTNANNGHALNQVYQIMYIPP
GAPTPKSWDDYTWQTSSNPSIFYTYGAAPARISVPYVGLANAYSHFYDGFAKVPLKTDANDQIGDSLYSAMTVDDFGVLA
VRVVNDHNPTKVTSKVRIYMKPKHVRVWCPRPPRAVPYYGPGVDYRNNLDPLSEKGLTTY
;
1
2 'polypeptide(L)'
;SPNVEACGYSDRVLQLTLGNSTITTQEAANSVVAYGRWPEFIRDDEANPVDQPTEPDVATCRFYTLDTVMWGKESKGWWW
KLPDALRDMGLFGQNMYYHYLGRSGYTVHVQCNASKFHQGALGVFAIPEYCLAGDSDKQRYTSYANANPGERGGKFYSQF
NKDNAVTSPKREFCPVDYLLGCGVLLGNAFVYPHQIINLRTNNSATIVLPYVNALAIDSMVKHNNWGIAILPLSPLDFAQ
DSSVEIPITVTIAPMCSEFNGLRNVTAPKFQ
;
2
3 'polypeptide(L)'
;GLPVLNTPGSNQYLTSDNHQSPCAIPEFDVTPPIDIPGEVKNMMELAEIDTMIPLNLESTKRNTMDMYRVTLSDSADLSQ
PILCLSLSPAFDPRLSHTMLGEVLNYYTHWAGSLKFTFLFCGSMMATGKILVAYAPPGAQPPTSRKEAMLGTHVIWDLGL
QSSCTMVVPWISNVTYRQTTQDSFTEGGYISMFYQTRIVVPLSTPKSMSMLGFVSACNDFSVRLLRDTTHISQSALPQ
;
3
4 'polypeptide(L)' GAQVSSQKVGAHENSNRAYGGSTINYTTINYYKDSASNAASKQDYSQDPSKFTEPLKDVLIKTAPALN 4
5 'polypeptide(L)'
;EVQLVESGGGLVQPGRSLRLSCEASGFNFDDYAMHWVRQAPGKGLEWVSGISWSSSSRDYADSVKGRFTISRDNAKNSLY
LHMNSLREEDTALYYCAKDMSYYGSGGVLHYYYYGMDVWGQGTTVTVSS
;
H
6 'polypeptide(L)'
;SALTQPASVSGSPGQSITISCTGTSSDVGGYDYVSWYQQHPGKAPKVMIYDVSNRPSGVSNRFSGSKSGNTASLTISGLQ
AEDEAEYYCTSYTRSSTLVFGTGTKVTVL
;
L
#
loop_
_chem_comp.id
_chem_comp.type
_chem_comp.name
_chem_comp.formula
PLM non-polymer 'PALMITIC ACID' 'C16 H32 O2'
#
# COMPACT_ATOMS: atom_id res chain seq x y z
N ASP A 23 18.89 29.90 10.93
CA ASP A 23 18.23 28.58 10.81
C ASP A 23 18.19 27.84 12.15
N SER A 24 18.77 28.45 13.18
CA SER A 24 18.78 27.83 14.49
C SER A 24 17.38 27.84 15.10
N LEU A 25 17.15 26.95 16.06
CA LEU A 25 15.87 26.83 16.71
C LEU A 25 15.65 28.01 17.66
N PRO A 26 14.40 28.30 18.02
CA PRO A 26 14.12 29.44 18.89
C PRO A 26 14.69 29.25 20.29
N ASP A 27 15.02 30.37 20.92
CA ASP A 27 15.61 30.34 22.25
C ASP A 27 14.56 30.03 23.30
N THR A 28 15.02 29.87 24.54
CA THR A 28 14.15 29.61 25.67
C THR A 28 14.09 30.85 26.56
N LYS A 29 12.87 31.23 26.94
CA LYS A 29 12.66 32.44 27.73
C LYS A 29 12.66 32.10 29.23
N ALA A 30 13.15 33.04 30.02
CA ALA A 30 13.12 32.88 31.47
C ALA A 30 11.70 33.04 31.99
N SER A 31 11.35 32.25 33.01
CA SER A 31 10.01 32.26 33.58
C SER A 31 10.12 32.22 35.10
N GLY A 32 9.08 32.74 35.76
CA GLY A 32 9.02 32.74 37.20
C GLY A 32 7.76 32.08 37.71
N PRO A 33 7.47 32.25 39.01
CA PRO A 33 6.25 31.68 39.56
C PRO A 33 5.01 32.25 38.90
N ALA A 34 3.89 31.54 39.06
CA ALA A 34 2.64 31.93 38.45
C ALA A 34 1.49 31.65 39.41
N HIS A 35 0.55 32.60 39.47
CA HIS A 35 -0.68 32.44 40.23
C HIS A 35 -1.74 33.27 39.49
N SER A 36 -2.48 32.63 38.58
CA SER A 36 -3.27 33.37 37.62
C SER A 36 -4.56 32.62 37.30
N LYS A 37 -5.47 33.34 36.66
CA LYS A 37 -6.75 32.79 36.23
C LYS A 37 -6.67 32.07 34.89
N GLU A 38 -5.56 32.18 34.18
CA GLU A 38 -5.38 31.55 32.88
C GLU A 38 -4.62 30.25 33.04
N VAL A 39 -5.15 29.17 32.44
CA VAL A 39 -4.62 27.83 32.65
C VAL A 39 -4.21 27.23 31.31
N PRO A 40 -2.95 27.34 30.90
CA PRO A 40 -2.54 26.71 29.63
C PRO A 40 -2.39 25.20 29.70
N ALA A 41 -2.38 24.61 30.90
CA ALA A 41 -2.16 23.18 31.03
C ALA A 41 -3.39 22.35 30.68
N LEU A 42 -4.58 22.94 30.66
CA LEU A 42 -5.81 22.22 30.38
C LEU A 42 -6.24 22.48 28.94
N THR A 43 -6.66 21.42 28.26
CA THR A 43 -7.06 21.50 26.86
C THR A 43 -8.14 20.46 26.61
N ALA A 44 -8.56 20.36 25.35
CA ALA A 44 -9.55 19.39 24.92
C ALA A 44 -9.13 18.85 23.56
N VAL A 45 -8.62 17.61 23.54
CA VAL A 45 -8.15 17.01 22.29
C VAL A 45 -9.29 16.65 21.35
N GLU A 46 -10.53 16.73 21.81
CA GLU A 46 -11.66 16.42 20.94
C GLU A 46 -11.72 17.35 19.74
N THR A 47 -11.22 18.58 19.89
CA THR A 47 -11.28 19.54 18.80
C THR A 47 -10.43 19.12 17.61
N GLY A 48 -9.51 18.18 17.80
CA GLY A 48 -8.64 17.76 16.72
C GLY A 48 -7.39 18.59 16.56
N ALA A 49 -6.95 19.28 17.61
CA ALA A 49 -5.75 20.11 17.56
C ALA A 49 -4.80 19.70 18.66
N THR A 50 -3.52 20.00 18.45
CA THR A 50 -2.46 19.69 19.41
C THR A 50 -2.13 20.93 20.23
N ASN A 51 -1.89 20.73 21.52
CA ASN A 51 -1.62 21.85 22.42
C ASN A 51 -0.19 22.33 22.21
N PRO A 52 0.03 23.60 21.79
CA PRO A 52 1.38 24.09 21.52
C PRO A 52 2.08 24.66 22.75
N LEU A 53 2.35 23.81 23.73
CA LEU A 53 2.99 24.27 24.95
C LEU A 53 4.51 24.29 24.79
N ALA A 54 5.15 25.01 25.70
CA ALA A 54 6.60 25.08 25.84
C ALA A 54 6.94 24.84 27.29
N PRO A 55 8.17 24.41 27.58
CA PRO A 55 8.50 24.08 28.98
C PRO A 55 8.30 25.25 29.92
N SER A 56 8.46 26.48 29.45
CA SER A 56 8.28 27.65 30.30
C SER A 56 6.82 27.84 30.75
N ASP A 57 5.87 27.14 30.12
CA ASP A 57 4.47 27.31 30.49
C ASP A 57 4.06 26.46 31.68
N THR A 58 4.93 25.57 32.16
CA THR A 58 4.59 24.68 33.26
C THR A 58 5.61 24.68 34.40
N VAL A 59 6.88 24.99 34.14
CA VAL A 59 7.92 25.01 35.16
C VAL A 59 8.79 26.24 34.96
N GLN A 60 9.49 26.62 36.02
CA GLN A 60 10.43 27.73 35.93
C GLN A 60 11.63 27.33 35.07
N THR A 61 12.09 28.25 34.23
CA THR A 61 13.15 27.98 33.28
C THR A 61 14.13 29.14 33.23
N ARG A 62 15.35 28.85 32.79
CA ARG A 62 16.37 29.88 32.61
C ARG A 62 16.48 30.27 31.15
N HIS A 63 17.11 31.42 30.91
CA HIS A 63 17.34 31.87 29.54
C HIS A 63 18.47 31.08 28.91
N VAL A 64 18.20 30.52 27.72
CA VAL A 64 19.19 29.71 27.02
C VAL A 64 19.22 30.11 25.55
N VAL A 65 20.40 30.51 25.06
CA VAL A 65 20.56 30.76 23.63
C VAL A 65 20.71 29.43 22.91
N GLN A 66 19.85 29.19 21.93
CA GLN A 66 19.76 27.91 21.26
C GLN A 66 20.57 27.95 19.96
N ARG A 67 21.39 26.93 19.75
CA ARG A 67 22.23 26.85 18.57
C ARG A 67 22.07 25.55 17.78
N ARG A 68 21.21 24.63 18.23
CA ARG A 68 20.92 23.42 17.47
C ARG A 68 20.04 23.76 16.27
N SER A 69 20.13 22.91 15.24
CA SER A 69 19.45 23.16 13.97
C SER A 69 18.78 21.89 13.49
N ARG A 70 17.91 22.06 12.49
CA ARG A 70 17.17 20.96 11.88
C ARG A 70 17.62 20.69 10.45
N SER A 71 18.86 21.04 10.11
CA SER A 71 19.30 20.96 8.72
C SER A 71 19.28 19.52 8.20
N GLU A 72 19.72 18.56 9.02
CA GLU A 72 19.88 17.20 8.56
C GLU A 72 18.58 16.40 8.54
N SER A 73 17.43 17.07 8.62
CA SER A 73 16.14 16.40 8.66
C SER A 73 15.20 16.82 7.54
N THR A 74 15.64 17.69 6.62
CA THR A 74 14.79 18.10 5.52
C THR A 74 14.51 16.93 4.58
N ILE A 75 13.60 17.16 3.63
CA ILE A 75 13.22 16.10 2.70
C ILE A 75 14.41 15.70 1.82
N GLU A 76 15.15 16.69 1.33
CA GLU A 76 16.31 16.39 0.50
C GLU A 76 17.32 15.54 1.26
N SER A 77 17.63 15.93 2.50
CA SER A 77 18.58 15.14 3.28
C SER A 77 18.04 13.76 3.60
N PHE A 78 16.74 13.65 3.86
CA PHE A 78 16.15 12.35 4.16
C PHE A 78 16.24 11.40 2.97
N PHE A 79 16.01 11.91 1.75
CA PHE A 79 16.01 11.06 0.57
C PHE A 79 17.33 11.05 -0.19
N ALA A 80 18.36 11.74 0.29
CA ALA A 80 19.62 11.81 -0.44
C ALA A 80 20.51 10.60 -0.18
N ARG A 81 20.07 9.42 -0.60
CA ARG A 81 20.85 8.20 -0.48
C ARG A 81 20.48 7.26 -1.62
N GLY A 82 21.47 6.49 -2.10
CA GLY A 82 21.21 5.51 -3.13
C GLY A 82 20.85 4.17 -2.52
N ALA A 83 19.83 3.52 -3.08
CA ALA A 83 19.32 2.27 -2.55
C ALA A 83 19.18 1.25 -3.68
N CYS A 84 19.52 -0.01 -3.38
CA CYS A 84 19.39 -1.08 -4.36
C CYS A 84 17.91 -1.38 -4.60
N VAL A 85 17.57 -1.64 -5.85
CA VAL A 85 16.17 -1.92 -6.21
C VAL A 85 16.00 -3.19 -7.03
N ALA A 86 17.05 -3.72 -7.65
CA ALA A 86 16.88 -4.92 -8.47
C ALA A 86 18.24 -5.54 -8.76
N ILE A 87 18.20 -6.82 -9.14
CA ILE A 87 19.39 -7.57 -9.57
C ILE A 87 19.03 -8.30 -10.85
N ILE A 88 19.86 -8.14 -11.88
CA ILE A 88 19.62 -8.74 -13.19
C ILE A 88 20.79 -9.67 -13.49
N GLU A 89 20.48 -10.89 -13.95
CA GLU A 89 21.47 -11.91 -14.21
C GLU A 89 21.51 -12.25 -15.69
N VAL A 90 22.71 -12.31 -16.26
CA VAL A 90 22.91 -12.68 -17.65
C VAL A 90 24.07 -13.65 -17.74
N ASP A 91 24.13 -14.41 -18.83
CA ASP A 91 25.15 -15.41 -19.04
C ASP A 91 25.81 -15.19 -20.40
N ASN A 92 26.85 -15.98 -20.68
CA ASN A 92 27.59 -15.89 -21.93
C ASN A 92 28.20 -17.25 -22.24
N GLU A 93 27.51 -18.04 -23.06
CA GLU A 93 28.03 -19.32 -23.52
C GLU A 93 27.44 -19.62 -24.89
N GLN A 94 28.11 -20.49 -25.63
CA GLN A 94 27.68 -20.78 -26.98
C GLN A 94 26.26 -21.34 -26.96
N PRO A 95 25.34 -20.78 -27.75
CA PRO A 95 23.91 -21.07 -27.54
C PRO A 95 23.55 -22.50 -27.91
N THR A 96 22.76 -23.12 -27.05
CA THR A 96 22.09 -24.39 -27.36
C THR A 96 20.60 -24.14 -27.46
N THR A 97 19.81 -25.19 -27.63
CA THR A 97 18.35 -25.06 -27.68
C THR A 97 17.71 -25.10 -26.29
N ARG A 98 18.46 -25.49 -25.26
CA ARG A 98 17.92 -25.52 -23.91
C ARG A 98 17.63 -24.10 -23.42
N ALA A 99 17.07 -24.02 -22.22
CA ALA A 99 16.82 -22.73 -21.61
C ALA A 99 18.13 -22.04 -21.29
N GLN A 100 18.25 -20.77 -21.66
CA GLN A 100 19.46 -20.00 -21.44
C GLN A 100 19.09 -18.57 -21.10
N LYS A 101 20.07 -17.82 -20.62
CA LYS A 101 19.86 -16.43 -20.23
C LYS A 101 20.85 -15.51 -20.94
N LEU A 102 20.98 -15.67 -22.25
CA LEU A 102 21.85 -14.79 -23.02
C LEU A 102 21.42 -13.33 -22.93
N PHE A 103 20.15 -13.06 -22.61
CA PHE A 103 19.69 -11.71 -22.37
C PHE A 103 18.54 -11.75 -21.39
N ALA A 104 18.32 -10.63 -20.70
CA ALA A 104 17.31 -10.56 -19.65
C ALA A 104 16.55 -9.25 -19.78
N MET A 105 15.34 -9.24 -19.21
CA MET A 105 14.48 -8.07 -19.22
C MET A 105 13.90 -7.86 -17.83
N TRP A 106 13.74 -6.60 -17.44
CA TRP A 106 13.28 -6.26 -16.10
C TRP A 106 12.36 -5.05 -16.17
N ARG A 107 11.19 -5.15 -15.53
CA ARG A 107 10.24 -4.05 -15.50
C ARG A 107 10.63 -3.06 -14.42
N ILE A 108 10.68 -1.77 -14.76
CA ILE A 108 11.14 -0.75 -13.84
C ILE A 108 10.09 -0.58 -12.74
N THR A 109 10.52 -0.72 -11.50
CA THR A 109 9.65 -0.54 -10.34
C THR A 109 10.51 -0.54 -9.09
N TYR A 110 9.99 0.07 -8.04
CA TYR A 110 10.69 0.15 -6.75
C TYR A 110 10.09 -0.78 -5.70
N LYS A 111 9.14 -1.64 -6.08
CA LYS A 111 8.46 -2.50 -5.13
C LYS A 111 9.12 -3.86 -4.96
N ASP A 112 10.25 -4.11 -5.63
CA ASP A 112 10.94 -5.39 -5.44
C ASP A 112 11.71 -5.43 -4.12
N THR A 113 11.96 -4.29 -3.50
CA THR A 113 12.67 -4.21 -2.23
C THR A 113 11.84 -3.37 -1.26
N VAL A 114 12.08 -3.57 0.04
CA VAL A 114 11.20 -2.96 1.03
C VAL A 114 11.76 -1.67 1.61
N GLN A 115 13.09 -1.52 1.65
CA GLN A 115 13.67 -0.39 2.38
C GLN A 115 13.29 0.93 1.76
N LEU A 116 13.41 1.06 0.44
CA LEU A 116 13.05 2.32 -0.22
C LEU A 116 11.54 2.46 -0.31
N ARG A 117 10.83 1.35 -0.48
CA ARG A 117 9.37 1.41 -0.57
C ARG A 117 8.78 1.99 0.70
N ARG A 118 9.26 1.54 1.87
CA ARG A 118 8.72 2.04 3.13
C ARG A 118 8.98 3.53 3.29
N LYS A 119 10.18 3.98 2.91
CA LYS A 119 10.48 5.40 3.01
C LYS A 119 9.59 6.23 2.09
N LEU A 120 9.37 5.76 0.86
CA LEU A 120 8.53 6.51 -0.06
C LEU A 120 7.08 6.55 0.42
N GLU A 121 6.59 5.44 0.98
CA GLU A 121 5.18 5.37 1.36
C GLU A 121 4.84 6.16 2.62
N PHE A 122 5.71 7.00 3.15
CA PHE A 122 5.30 7.96 4.18
C PHE A 122 4.34 9.00 3.62
N PHE A 123 4.26 9.15 2.29
CA PHE A 123 3.52 10.23 1.67
C PHE A 123 2.65 9.67 0.56
N THR A 124 1.60 10.43 0.22
CA THR A 124 0.66 9.97 -0.79
C THR A 124 1.10 10.34 -2.20
N TYR A 125 1.65 11.55 -2.38
CA TYR A 125 2.10 12.02 -3.68
C TYR A 125 3.53 12.53 -3.57
N SER A 126 4.24 12.51 -4.69
CA SER A 126 5.62 12.95 -4.73
C SER A 126 5.97 13.41 -6.14
N ARG A 127 7.07 14.16 -6.24
CA ARG A 127 7.49 14.75 -7.51
C ARG A 127 8.99 15.01 -7.43
N PHE A 128 9.77 14.33 -8.25
CA PHE A 128 11.22 14.42 -8.15
C PHE A 128 11.88 13.95 -9.44
N ASP A 129 13.14 14.36 -9.61
CA ASP A 129 13.99 13.78 -10.63
C ASP A 129 14.59 12.46 -10.11
N MET A 130 15.28 11.76 -10.99
CA MET A 130 15.76 10.42 -10.68
C MET A 130 17.21 10.27 -11.12
N GLU A 131 17.94 9.40 -10.43
CA GLU A 131 19.33 9.09 -10.74
C GLU A 131 19.54 7.59 -10.64
N PHE A 132 20.26 7.03 -11.62
CA PHE A 132 20.52 5.60 -11.68
C PHE A 132 22.03 5.34 -11.69
N THR A 133 22.44 4.25 -11.06
CA THR A 133 23.83 3.81 -11.06
C THR A 133 23.86 2.29 -11.17
N PHE A 134 24.76 1.77 -12.00
CA PHE A 134 24.83 0.35 -12.31
C PHE A 134 26.18 -0.21 -11.87
N VAL A 135 26.15 -1.34 -11.16
CA VAL A 135 27.35 -2.03 -10.70
C VAL A 135 27.33 -3.42 -11.29
N VAL A 136 28.44 -3.83 -11.92
CA VAL A 136 28.52 -5.07 -12.67
C VAL A 136 29.64 -5.93 -12.11
N THR A 137 29.37 -7.24 -12.00
CA THR A 137 30.34 -8.21 -11.53
C THR A 137 30.22 -9.48 -12.35
N ALA A 138 31.28 -10.29 -12.36
CA ALA A 138 31.30 -11.50 -13.16
C ALA A 138 32.23 -12.52 -12.52
N ASN A 139 32.09 -13.77 -12.92
CA ASN A 139 32.92 -14.85 -12.42
C ASN A 139 32.80 -16.05 -13.34
N PHE A 140 33.78 -16.96 -13.23
CA PHE A 140 33.73 -18.21 -13.97
C PHE A 140 32.81 -19.20 -13.27
N THR A 141 32.46 -20.28 -13.99
CA THR A 141 31.65 -21.35 -13.44
C THR A 141 32.34 -22.71 -13.50
N ASN A 142 33.35 -22.89 -14.35
CA ASN A 142 34.10 -24.12 -14.43
C ASN A 142 35.58 -23.80 -14.54
N ALA A 143 36.40 -24.68 -13.97
CA ALA A 143 37.84 -24.43 -13.88
C ALA A 143 38.64 -25.09 -14.99
N ASN A 144 37.97 -25.67 -15.99
CA ASN A 144 38.67 -26.42 -17.02
C ASN A 144 39.62 -25.58 -17.87
N ASN A 145 39.24 -24.36 -18.26
CA ASN A 145 40.09 -23.53 -19.10
C ASN A 145 40.59 -22.30 -18.36
N GLY A 146 39.67 -21.48 -17.87
CA GLY A 146 40.05 -20.19 -17.33
C GLY A 146 40.55 -19.19 -18.35
N HIS A 147 39.98 -19.21 -19.56
CA HIS A 147 40.35 -18.27 -20.62
C HIS A 147 39.14 -17.40 -20.95
N ALA A 148 39.34 -16.08 -20.94
CA ALA A 148 38.27 -15.15 -21.28
C ALA A 148 38.85 -13.75 -21.39
N LEU A 149 38.33 -12.99 -22.35
CA LEU A 149 38.75 -11.62 -22.55
C LEU A 149 37.73 -10.65 -21.98
N ASN A 150 38.12 -9.38 -21.89
CA ASN A 150 37.27 -8.37 -21.28
C ASN A 150 35.95 -8.26 -22.02
N GLN A 151 34.87 -8.05 -21.27
CA GLN A 151 33.52 -8.08 -21.80
C GLN A 151 32.89 -6.69 -21.78
N VAL A 152 31.93 -6.49 -22.69
CA VAL A 152 31.23 -5.22 -22.85
C VAL A 152 29.74 -5.50 -22.73
N TYR A 153 29.05 -4.68 -21.94
CA TYR A 153 27.63 -4.86 -21.66
C TYR A 153 26.82 -3.75 -22.31
N GLN A 154 25.61 -4.09 -22.77
CA GLN A 154 24.68 -3.12 -23.33
C GLN A 154 23.41 -3.11 -22.51
N ILE A 155 22.93 -1.92 -22.17
CA ILE A 155 21.71 -1.72 -21.41
C ILE A 155 20.82 -0.81 -22.24
N MET A 156 19.69 -1.33 -22.72
CA MET A 156 18.80 -0.59 -23.59
C MET A 156 17.47 -0.38 -22.88
N TYR A 157 16.92 0.83 -23.02
CA TYR A 157 15.67 1.20 -22.39
C TYR A 157 14.55 1.15 -23.42
N ILE A 158 13.50 0.41 -23.12
CA ILE A 158 12.40 0.16 -24.05
C ILE A 158 11.14 0.81 -23.48
N PRO A 159 10.76 1.99 -23.97
CA PRO A 159 9.53 2.63 -23.49
C PRO A 159 8.32 1.80 -23.85
N PRO A 160 7.18 2.05 -23.22
CA PRO A 160 5.97 1.27 -23.54
C PRO A 160 5.62 1.38 -25.01
N GLY A 161 5.20 0.26 -25.59
CA GLY A 161 4.76 0.23 -26.97
C GLY A 161 5.84 -0.05 -27.99
N ALA A 162 7.11 -0.05 -27.59
CA ALA A 162 8.19 -0.34 -28.51
C ALA A 162 8.38 -1.85 -28.64
N PRO A 163 8.94 -2.32 -29.76
CA PRO A 163 9.16 -3.76 -29.91
C PRO A 163 10.20 -4.28 -28.94
N THR A 164 10.03 -5.53 -28.51
CA THR A 164 10.94 -6.13 -27.54
C THR A 164 11.81 -7.19 -28.19
N PRO A 165 13.05 -7.38 -27.72
CA PRO A 165 13.92 -8.39 -28.33
C PRO A 165 13.35 -9.78 -28.20
N LYS A 166 13.62 -10.61 -29.22
CA LYS A 166 13.32 -12.03 -29.17
C LYS A 166 14.56 -12.89 -29.21
N SER A 167 15.73 -12.32 -29.50
CA SER A 167 16.99 -13.04 -29.48
C SER A 167 18.09 -12.06 -29.11
N TRP A 168 19.23 -12.60 -28.67
CA TRP A 168 20.30 -11.73 -28.21
C TRP A 168 20.96 -10.95 -29.33
N ASP A 169 20.64 -11.24 -30.59
CA ASP A 169 21.28 -10.57 -31.71
C ASP A 169 20.32 -10.14 -32.82
N ASP A 170 19.04 -9.96 -32.55
CA ASP A 170 18.13 -9.58 -33.61
C ASP A 170 18.26 -8.10 -33.93
N TYR A 171 17.39 -7.63 -34.82
CA TYR A 171 17.48 -6.25 -35.29
C TYR A 171 17.15 -5.23 -34.22
N THR A 172 16.45 -5.64 -33.15
CA THR A 172 15.98 -4.68 -32.17
C THR A 172 17.14 -3.95 -31.49
N TRP A 173 18.30 -4.61 -31.39
CA TRP A 173 19.43 -4.03 -30.68
C TRP A 173 20.12 -2.91 -31.45
N GLN A 174 19.62 -2.53 -32.63
CA GLN A 174 20.22 -1.40 -33.34
C GLN A 174 20.01 -0.09 -32.60
N THR A 175 19.07 -0.04 -31.66
CA THR A 175 18.87 1.12 -30.80
C THR A 175 18.84 2.43 -31.60
N SER A 176 18.06 2.42 -32.67
CA SER A 176 18.01 3.60 -33.54
C SER A 176 17.50 4.82 -32.78
N SER A 177 16.48 4.66 -31.94
CA SER A 177 15.91 5.78 -31.20
C SER A 177 15.79 5.52 -29.71
N ASN A 178 16.04 4.31 -29.23
CA ASN A 178 15.99 4.05 -27.80
C ASN A 178 17.33 4.43 -27.16
N PRO A 179 17.32 5.00 -25.95
CA PRO A 179 18.59 5.24 -25.25
C PRO A 179 19.27 3.93 -24.92
N SER A 180 20.60 3.96 -24.90
CA SER A 180 21.38 2.76 -24.63
C SER A 180 22.72 3.15 -24.01
N ILE A 181 23.25 2.26 -23.17
CA ILE A 181 24.52 2.46 -22.49
C ILE A 181 25.42 1.27 -22.80
N PHE A 182 26.65 1.54 -23.21
CA PHE A 182 27.67 0.52 -23.41
C PHE A 182 28.71 0.65 -22.30
N TYR A 183 28.79 -0.37 -21.45
CA TYR A 183 29.66 -0.36 -20.28
C TYR A 183 30.74 -1.42 -20.45
N THR A 184 31.99 -1.03 -20.27
CA THR A 184 33.13 -1.93 -20.40
C THR A 184 33.56 -2.40 -19.01
N TYR A 185 33.75 -3.71 -18.88
CA TYR A 185 34.03 -4.27 -17.56
C TYR A 185 35.31 -3.69 -16.98
N GLY A 186 35.29 -3.44 -15.67
CA GLY A 186 36.44 -2.92 -14.96
C GLY A 186 36.47 -1.42 -14.81
N ALA A 187 35.58 -0.69 -15.46
CA ALA A 187 35.55 0.76 -15.35
C ALA A 187 34.68 1.21 -14.20
N ALA A 188 34.58 2.52 -14.01
CA ALA A 188 33.76 3.06 -12.94
C ALA A 188 32.28 2.81 -13.24
N PRO A 189 31.44 2.71 -12.23
CA PRO A 189 30.01 2.45 -12.48
C PRO A 189 29.38 3.50 -13.39
N ALA A 190 28.48 3.05 -14.25
CA ALA A 190 27.74 3.96 -15.11
C ALA A 190 26.73 4.76 -14.29
N ARG A 191 26.32 5.91 -14.82
CA ARG A 191 25.45 6.82 -14.09
C ARG A 191 24.62 7.63 -15.07
N ILE A 192 23.34 7.83 -14.72
CA ILE A 192 22.38 8.47 -15.60
C ILE A 192 21.45 9.35 -14.76
N SER A 193 20.83 10.32 -15.40
CA SER A 193 19.82 11.17 -14.78
C SER A 193 18.57 11.20 -15.65
N VAL A 194 17.41 11.28 -15.01
CA VAL A 194 16.13 11.27 -15.72
C VAL A 194 15.23 12.36 -15.13
N PRO A 195 14.43 13.05 -15.95
CA PRO A 195 13.51 14.05 -15.40
C PRO A 195 12.22 13.45 -14.87
N TYR A 196 11.29 14.30 -14.46
CA TYR A 196 9.97 13.84 -14.02
C TYR A 196 9.15 13.41 -15.22
N VAL A 197 8.82 12.13 -15.29
CA VAL A 197 8.16 11.55 -16.47
C VAL A 197 6.75 11.08 -16.16
N GLY A 198 6.08 11.70 -15.18
CA GLY A 198 4.74 11.29 -14.84
C GLY A 198 3.70 11.85 -15.81
N LEU A 199 2.60 11.11 -15.95
CA LEU A 199 1.48 11.59 -16.76
C LEU A 199 0.68 12.65 -16.06
N ALA A 200 0.51 12.55 -14.75
CA ALA A 200 -0.21 13.54 -13.97
C ALA A 200 0.77 14.56 -13.39
N ASN A 201 0.25 15.49 -12.61
CA ASN A 201 1.11 16.52 -12.00
C ASN A 201 1.96 15.97 -10.87
N ALA A 202 1.74 14.73 -10.43
CA ALA A 202 2.56 14.14 -9.39
C ALA A 202 2.38 12.63 -9.41
N TYR A 203 3.40 11.92 -8.94
CA TYR A 203 3.30 10.47 -8.81
C TYR A 203 2.30 10.12 -7.72
N SER A 204 1.60 9.01 -7.90
CA SER A 204 0.62 8.52 -6.93
C SER A 204 1.12 7.21 -6.35
N HIS A 205 1.48 7.23 -5.06
CA HIS A 205 1.91 6.01 -4.38
C HIS A 205 0.73 5.10 -4.05
N PHE A 206 -0.47 5.66 -3.89
CA PHE A 206 -1.67 4.87 -3.65
C PHE A 206 -2.75 5.34 -4.61
N TYR A 207 -3.58 4.39 -5.07
CA TYR A 207 -4.64 4.71 -6.02
C TYR A 207 -5.84 3.85 -5.65
N ASP A 208 -6.92 4.50 -5.20
CA ASP A 208 -8.12 3.81 -4.76
C ASP A 208 -9.16 3.80 -5.87
N GLY A 209 -8.95 2.90 -6.82
CA GLY A 209 -9.86 2.82 -7.94
C GLY A 209 -9.53 1.66 -8.86
N PHE A 210 -10.20 1.64 -9.99
CA PHE A 210 -10.07 0.58 -10.99
C PHE A 210 -9.73 1.20 -12.34
N ALA A 211 -9.47 0.32 -13.31
CA ALA A 211 -9.18 0.79 -14.66
C ALA A 211 -10.39 0.70 -15.58
N LYS A 212 -11.32 -0.21 -15.29
CA LYS A 212 -12.53 -0.36 -16.08
C LYS A 212 -13.71 -0.62 -15.15
N VAL A 213 -14.90 -0.30 -15.64
CA VAL A 213 -16.13 -0.43 -14.86
C VAL A 213 -17.09 -1.35 -15.61
N PRO A 214 -17.60 -2.41 -14.99
CA PRO A 214 -18.59 -3.25 -15.67
C PRO A 214 -19.92 -2.54 -15.83
N LEU A 215 -20.60 -2.85 -16.92
CA LEU A 215 -21.87 -2.22 -17.26
C LEU A 215 -22.96 -3.28 -17.39
N LYS A 216 -24.21 -2.86 -17.18
CA LYS A 216 -25.33 -3.79 -17.23
C LYS A 216 -25.51 -4.42 -18.61
N THR A 217 -25.04 -3.76 -19.66
CA THR A 217 -25.22 -4.24 -21.02
C THR A 217 -24.09 -5.13 -21.50
N ASP A 218 -23.06 -5.36 -20.68
CA ASP A 218 -21.95 -6.20 -21.10
C ASP A 218 -22.41 -7.63 -21.30
N ALA A 219 -21.83 -8.30 -22.30
CA ALA A 219 -22.21 -9.68 -22.58
C ALA A 219 -21.72 -10.62 -21.50
N ASN A 220 -20.50 -10.41 -21.00
CA ASN A 220 -19.91 -11.28 -19.99
C ASN A 220 -19.09 -10.45 -19.04
N ASP A 221 -18.60 -11.10 -17.97
CA ASP A 221 -17.95 -10.37 -16.89
C ASP A 221 -16.59 -9.82 -17.29
N GLN A 222 -15.81 -10.56 -18.08
CA GLN A 222 -14.45 -10.12 -18.39
C GLN A 222 -14.40 -8.81 -19.16
N ILE A 223 -15.52 -8.38 -19.74
CA ILE A 223 -15.49 -7.12 -20.49
C ILE A 223 -15.21 -5.95 -19.56
N GLY A 224 -15.45 -6.11 -18.27
CA GLY A 224 -15.24 -5.04 -17.31
C GLY A 224 -14.35 -5.42 -16.15
N ASP A 225 -13.93 -6.68 -16.08
CA ASP A 225 -13.13 -7.14 -14.95
C ASP A 225 -11.74 -6.52 -14.97
N SER A 226 -11.24 -6.18 -13.79
CA SER A 226 -9.92 -5.59 -13.64
C SER A 226 -9.48 -5.74 -12.19
N LEU A 227 -8.19 -5.54 -11.95
CA LEU A 227 -7.64 -5.68 -10.62
C LEU A 227 -7.76 -4.37 -9.84
N TYR A 228 -7.91 -4.50 -8.53
CA TYR A 228 -8.11 -3.34 -7.67
C TYR A 228 -6.81 -2.60 -7.44
N SER A 229 -6.85 -1.28 -7.62
CA SER A 229 -5.74 -0.36 -7.33
C SER A 229 -4.62 -0.44 -8.35
N ALA A 230 -4.88 -0.92 -9.56
CA ALA A 230 -3.89 -0.93 -10.63
C ALA A 230 -4.32 0.06 -11.70
N MET A 231 -3.45 1.03 -12.00
CA MET A 231 -3.83 2.12 -12.89
C MET A 231 -3.42 1.87 -14.34
N THR A 232 -2.24 1.29 -14.56
CA THR A 232 -1.74 1.10 -15.92
C THR A 232 -0.92 -0.17 -15.98
N VAL A 233 -0.76 -0.68 -17.20
CA VAL A 233 -0.06 -1.94 -17.40
C VAL A 233 1.45 -1.74 -17.29
N ASP A 234 2.02 -0.96 -18.20
CA ASP A 234 3.44 -0.63 -18.18
C ASP A 234 3.60 0.81 -17.71
N ASP A 235 4.07 0.97 -16.47
CA ASP A 235 4.25 2.31 -15.94
C ASP A 235 5.42 3.03 -16.60
N PHE A 236 6.56 2.35 -16.75
CA PHE A 236 7.77 3.00 -17.22
C PHE A 236 8.56 2.21 -18.24
N GLY A 237 8.20 0.96 -18.52
CA GLY A 237 8.93 0.18 -19.52
C GLY A 237 9.82 -0.87 -18.90
N VAL A 238 10.79 -1.34 -19.70
CA VAL A 238 11.69 -2.40 -19.29
C VAL A 238 13.12 -2.03 -19.69
N LEU A 239 14.07 -2.71 -19.06
CA LEU A 239 15.49 -2.62 -19.41
C LEU A 239 15.97 -3.97 -19.91
N ALA A 240 16.61 -3.97 -21.07
CA ALA A 240 17.14 -5.19 -21.68
C ALA A 240 18.66 -5.17 -21.59
N VAL A 241 19.24 -6.28 -21.16
CA VAL A 241 20.68 -6.37 -20.90
C VAL A 241 21.24 -7.56 -21.65
N ARG A 242 22.44 -7.40 -22.21
CA ARG A 242 23.14 -8.48 -22.90
C ARG A 242 24.63 -8.20 -22.85
N VAL A 243 25.40 -9.16 -23.34
CA VAL A 243 26.84 -8.98 -23.56
C VAL A 243 27.10 -9.09 -25.05
N VAL A 244 27.75 -8.06 -25.61
CA VAL A 244 27.95 -8.01 -27.06
C VAL A 244 29.04 -8.96 -27.53
N ASN A 245 29.93 -9.39 -26.65
CA ASN A 245 31.00 -10.29 -27.04
C ASN A 245 30.43 -11.62 -27.51
N ASP A 246 31.10 -12.24 -28.48
CA ASP A 246 30.75 -13.60 -28.85
C ASP A 246 31.02 -14.55 -27.69
N HIS A 247 30.68 -15.81 -27.89
CA HIS A 247 30.69 -16.77 -26.80
C HIS A 247 32.04 -17.50 -26.74
N ASN A 248 32.71 -17.37 -25.59
CA ASN A 248 33.99 -18.03 -25.38
C ASN A 248 33.77 -19.53 -25.18
N PRO A 249 34.85 -20.32 -25.21
CA PRO A 249 34.70 -21.76 -24.98
C PRO A 249 34.10 -22.11 -23.62
N THR A 250 34.23 -21.23 -22.62
CA THR A 250 33.75 -21.51 -21.28
C THR A 250 32.70 -20.49 -20.86
N LYS A 251 31.78 -20.93 -20.00
CA LYS A 251 30.70 -20.08 -19.54
C LYS A 251 31.22 -19.01 -18.59
N VAL A 252 30.61 -17.83 -18.66
CA VAL A 252 30.88 -16.73 -17.74
C VAL A 252 29.55 -16.13 -17.31
N THR A 253 29.39 -15.92 -16.02
CA THR A 253 28.13 -15.43 -15.45
C THR A 253 28.34 -14.03 -14.88
N SER A 254 27.33 -13.18 -15.02
CA SER A 254 27.40 -11.80 -14.56
C SER A 254 26.08 -11.40 -13.92
N LYS A 255 26.14 -10.38 -13.06
CA LYS A 255 24.96 -9.79 -12.45
C LYS A 255 25.10 -8.28 -12.44
N VAL A 256 23.97 -7.60 -12.64
CA VAL A 256 23.92 -6.14 -12.67
C VAL A 256 23.01 -5.67 -11.54
N ARG A 257 23.51 -4.74 -10.73
CA ARG A 257 22.77 -4.18 -9.60
C ARG A 257 22.44 -2.72 -9.90
N ILE A 258 21.21 -2.32 -9.62
CA ILE A 258 20.70 -1.00 -9.95
C ILE A 258 20.44 -0.24 -8.67
N TYR A 259 20.89 1.01 -8.61
CA TYR A 259 20.72 1.87 -7.45
C TYR A 259 19.96 3.13 -7.86
N MET A 260 19.16 3.65 -6.94
CA MET A 260 18.23 4.73 -7.22
C MET A 260 18.35 5.82 -6.16
N LYS A 261 18.38 7.08 -6.59
CA LYS A 261 18.45 8.22 -5.68
C LYS A 261 17.53 9.32 -6.18
N PRO A 262 16.46 9.66 -5.46
CA PRO A 262 15.65 10.82 -5.85
C PRO A 262 16.42 12.12 -5.69
N LYS A 263 16.07 13.10 -6.54
CA LYS A 263 16.64 14.44 -6.46
C LYS A 263 15.52 15.47 -6.61
N HIS A 264 15.73 16.63 -5.98
CA HIS A 264 14.77 17.74 -6.09
C HIS A 264 13.37 17.28 -5.69
N VAL A 265 13.21 16.86 -4.44
CA VAL A 265 12.03 16.11 -4.03
C VAL A 265 10.99 17.04 -3.42
N ARG A 266 9.72 16.72 -3.68
CA ARG A 266 8.57 17.36 -3.05
C ARG A 266 7.53 16.28 -2.73
N VAL A 267 6.78 16.50 -1.66
CA VAL A 267 5.85 15.49 -1.15
C VAL A 267 4.62 16.16 -0.56
N TRP A 268 3.51 15.42 -0.50
CA TRP A 268 2.26 15.90 0.04
C TRP A 268 1.57 14.81 0.84
N CYS A 269 0.64 15.23 1.72
CA CYS A 269 -0.31 14.34 2.39
C CYS A 269 0.37 13.18 3.11
N PRO A 270 0.98 13.40 4.28
CA PRO A 270 1.67 12.32 4.98
C PRO A 270 0.71 11.22 5.43
N ARG A 271 1.27 10.02 5.58
CA ARG A 271 0.55 8.82 5.96
C ARG A 271 1.31 8.10 7.05
N PRO A 272 0.64 7.26 7.84
CA PRO A 272 1.36 6.40 8.79
C PRO A 272 2.25 5.42 8.06
N PRO A 273 3.37 5.02 8.66
CA PRO A 273 4.26 4.06 8.00
C PRO A 273 3.76 2.63 8.11
N ARG A 274 4.28 1.79 7.23
CA ARG A 274 3.94 0.37 7.24
C ARG A 274 4.40 -0.28 8.55
N ALA A 275 3.57 -1.18 9.07
CA ALA A 275 3.84 -1.81 10.36
C ALA A 275 3.98 -3.32 10.29
N VAL A 276 3.56 -3.95 9.21
CA VAL A 276 3.61 -5.41 9.08
C VAL A 276 4.25 -5.77 7.75
N PRO A 277 4.75 -7.00 7.59
CA PRO A 277 5.47 -7.34 6.35
C PRO A 277 4.63 -7.11 5.11
N TYR A 278 5.29 -6.66 4.05
CA TYR A 278 4.62 -6.47 2.77
C TYR A 278 4.19 -7.80 2.18
N TYR A 279 3.15 -7.76 1.36
CA TYR A 279 2.64 -8.94 0.66
C TYR A 279 2.15 -8.48 -0.70
N GLY A 280 3.02 -8.55 -1.70
CA GLY A 280 2.68 -8.16 -3.05
C GLY A 280 2.77 -6.66 -3.26
N PRO A 281 2.42 -6.21 -4.47
CA PRO A 281 2.49 -4.78 -4.78
C PRO A 281 1.33 -3.95 -4.23
N GLY A 282 0.33 -4.58 -3.60
CA GLY A 282 -0.78 -3.87 -3.01
C GLY A 282 -0.55 -3.58 -1.55
N VAL A 283 -1.67 -3.33 -0.84
CA VAL A 283 -1.62 -3.09 0.60
C VAL A 283 -2.02 -4.32 1.40
N ASP A 284 -1.92 -5.52 0.83
CA ASP A 284 -2.38 -6.71 1.50
C ASP A 284 -1.45 -7.08 2.66
N TYR A 285 -1.95 -7.98 3.52
CA TYR A 285 -1.21 -8.44 4.68
C TYR A 285 -1.65 -9.86 5.04
N ARG A 286 -0.66 -10.74 5.22
CA ARG A 286 -0.93 -12.15 5.47
C ARG A 286 -0.33 -12.69 6.77
N ASN A 287 0.97 -12.50 6.98
CA ASN A 287 1.72 -13.44 7.83
C ASN A 287 1.62 -13.13 9.32
N ASN A 288 2.26 -12.04 9.78
CA ASN A 288 2.56 -11.91 11.21
C ASN A 288 1.46 -11.18 11.96
N LEU A 289 1.22 -9.91 11.60
CA LEU A 289 0.13 -9.11 12.17
C LEU A 289 0.25 -8.91 13.68
N ASP A 290 1.42 -9.18 14.27
CA ASP A 290 1.64 -8.97 15.70
C ASP A 290 2.98 -8.27 15.92
N PRO A 291 3.06 -6.98 15.59
CA PRO A 291 4.37 -6.29 15.64
C PRO A 291 4.86 -5.96 17.05
N LEU A 292 3.98 -5.85 18.04
CA LEU A 292 4.35 -5.35 19.35
C LEU A 292 4.71 -6.50 20.28
N SER A 293 5.66 -6.24 21.17
CA SER A 293 6.13 -7.23 22.14
C SER A 293 5.46 -7.03 23.49
N GLU A 294 5.74 -7.94 24.41
CA GLU A 294 5.09 -7.92 25.72
C GLU A 294 5.87 -7.07 26.72
N LYS A 295 5.14 -6.43 27.63
CA LYS A 295 5.75 -5.61 28.66
C LYS A 295 4.69 -5.32 29.73
N GLY A 296 5.13 -5.30 30.99
CA GLY A 296 4.20 -5.09 32.07
C GLY A 296 3.62 -3.69 32.07
N LEU A 297 2.46 -3.54 32.73
CA LEU A 297 1.82 -2.24 32.80
C LEU A 297 2.53 -1.30 33.75
N THR A 298 3.02 -1.81 34.89
CA THR A 298 3.67 -0.98 35.90
C THR A 298 5.14 -1.34 36.05
N THR A 299 5.80 -1.70 34.95
CA THR A 299 7.20 -2.08 34.94
C THR A 299 7.98 -1.05 34.13
N TYR A 300 9.02 -0.47 34.73
CA TYR A 300 9.87 0.49 34.04
C TYR A 300 10.68 -0.19 32.95
N TYR B 9 -20.31 35.00 21.65
CA TYR B 9 -20.85 33.70 21.17
C TYR B 9 -19.93 32.55 21.55
N SER B 10 -20.51 31.38 21.79
CA SER B 10 -19.74 30.20 22.16
C SER B 10 -19.46 29.34 20.94
N ASP B 11 -18.32 28.64 20.97
CA ASP B 11 -17.99 27.72 19.91
C ASP B 11 -18.69 26.37 20.05
N ARG B 12 -19.45 26.17 21.13
CA ARG B 12 -20.21 24.94 21.30
C ARG B 12 -21.54 24.99 20.58
N VAL B 13 -21.95 26.15 20.08
CA VAL B 13 -23.19 26.31 19.33
C VAL B 13 -22.82 26.73 17.91
N LEU B 14 -23.39 26.04 16.92
CA LEU B 14 -23.00 26.23 15.54
C LEU B 14 -24.19 25.99 14.62
N GLN B 15 -24.20 26.68 13.49
CA GLN B 15 -25.22 26.49 12.47
C GLN B 15 -24.57 26.45 11.09
N LEU B 16 -25.09 25.58 10.23
CA LEU B 16 -24.61 25.41 8.87
C LEU B 16 -25.79 25.49 7.91
N THR B 17 -25.57 26.07 6.74
CA THR B 17 -26.63 26.21 5.74
C THR B 17 -26.04 26.14 4.34
N LEU B 18 -26.56 25.20 3.54
CA LEU B 18 -26.18 25.05 2.15
C LEU B 18 -27.43 24.78 1.34
N GLY B 19 -27.55 25.46 0.20
CA GLY B 19 -28.72 25.26 -0.63
C GLY B 19 -29.98 25.57 0.15
N ASN B 20 -30.91 24.61 0.17
CA ASN B 20 -32.15 24.75 0.90
C ASN B 20 -32.21 23.88 2.15
N SER B 21 -31.06 23.63 2.79
CA SER B 21 -30.99 22.80 3.98
C SER B 21 -30.18 23.50 5.06
N THR B 22 -30.50 23.18 6.32
CA THR B 22 -29.87 23.81 7.47
C THR B 22 -29.61 22.77 8.54
N ILE B 23 -28.55 22.98 9.32
CA ILE B 23 -28.19 22.09 10.42
C ILE B 23 -27.83 22.93 11.63
N THR B 24 -28.24 22.48 12.81
CA THR B 24 -27.96 23.17 14.06
C THR B 24 -27.44 22.17 15.08
N THR B 25 -26.55 22.64 15.95
CA THR B 25 -26.05 21.84 17.05
C THR B 25 -25.80 22.74 18.25
N GLN B 26 -25.81 22.14 19.44
CA GLN B 26 -25.62 22.87 20.68
C GLN B 26 -24.52 22.31 21.56
N GLU B 27 -23.87 21.22 21.15
CA GLU B 27 -22.78 20.63 21.91
C GLU B 27 -21.66 20.21 20.96
N ALA B 28 -21.35 21.07 19.99
CA ALA B 28 -20.21 20.81 19.12
C ALA B 28 -18.91 21.18 19.82
N ALA B 29 -17.81 20.66 19.29
CA ALA B 29 -16.48 20.99 19.81
C ALA B 29 -15.91 22.18 19.04
N ASN B 30 -15.77 22.02 17.73
CA ASN B 30 -15.30 23.08 16.85
C ASN B 30 -15.32 22.52 15.43
N SER B 31 -15.04 23.38 14.47
CA SER B 31 -15.01 22.99 13.07
C SER B 31 -13.56 22.82 12.60
N VAL B 32 -13.33 21.82 11.77
CA VAL B 32 -11.99 21.51 11.27
C VAL B 32 -11.98 21.66 9.76
N VAL B 33 -10.96 22.32 9.24
CA VAL B 33 -10.74 22.48 7.81
C VAL B 33 -9.48 21.69 7.46
N ALA B 34 -9.64 20.62 6.70
CA ALA B 34 -8.51 19.75 6.41
C ALA B 34 -7.40 20.52 5.72
N TYR B 35 -6.19 20.40 6.26
CA TYR B 35 -5.00 21.05 5.72
C TYR B 35 -5.18 22.56 5.56
N GLY B 36 -6.14 23.15 6.26
CA GLY B 36 -6.32 24.59 6.22
C GLY B 36 -6.69 25.16 4.87
N ARG B 37 -7.31 24.36 4.00
CA ARG B 37 -7.67 24.80 2.66
C ARG B 37 -9.19 24.71 2.49
N TRP B 38 -9.79 25.74 1.91
CA TRP B 38 -11.21 25.76 1.63
C TRP B 38 -11.47 25.34 0.19
N PRO B 39 -12.60 24.69 -0.10
CA PRO B 39 -12.90 24.29 -1.47
C PRO B 39 -12.96 25.49 -2.41
N GLU B 40 -12.59 25.26 -3.67
CA GLU B 40 -12.62 26.31 -4.69
C GLU B 40 -12.75 25.68 -6.06
N PHE B 41 -13.09 26.51 -7.05
CA PHE B 41 -13.19 26.07 -8.43
C PHE B 41 -11.82 26.01 -9.08
N ILE B 42 -11.79 25.50 -10.32
CA ILE B 42 -10.55 25.43 -11.07
C ILE B 42 -10.23 26.80 -11.66
N ARG B 43 -8.95 27.17 -11.63
CA ARG B 43 -8.50 28.42 -12.21
C ARG B 43 -8.10 28.20 -13.66
N ASP B 44 -8.05 29.31 -14.41
CA ASP B 44 -7.70 29.21 -15.83
C ASP B 44 -6.30 28.66 -16.03
N ASP B 45 -5.34 29.08 -15.20
CA ASP B 45 -3.97 28.63 -15.34
C ASP B 45 -3.73 27.23 -14.82
N GLU B 46 -4.79 26.53 -14.40
CA GLU B 46 -4.67 25.14 -13.96
C GLU B 46 -5.59 24.20 -14.71
N ALA B 47 -6.36 24.69 -15.67
CA ALA B 47 -7.31 23.85 -16.39
C ALA B 47 -6.57 22.89 -17.32
N ASN B 48 -7.30 21.88 -17.79
CA ASN B 48 -6.74 20.88 -18.69
C ASN B 48 -7.69 20.59 -19.84
N PRO B 49 -8.89 20.06 -19.60
CA PRO B 49 -9.86 19.92 -20.71
C PRO B 49 -10.35 21.27 -21.17
N VAL B 50 -10.74 21.33 -22.46
CA VAL B 50 -11.09 22.61 -23.07
C VAL B 50 -12.60 22.83 -23.20
N ASP B 51 -13.41 21.88 -22.79
CA ASP B 51 -14.86 22.02 -22.92
C ASP B 51 -15.42 22.91 -21.82
N GLN B 52 -16.62 23.43 -22.06
CA GLN B 52 -17.28 24.32 -21.10
C GLN B 52 -17.82 23.50 -19.93
N PRO B 53 -17.44 23.79 -18.69
CA PRO B 53 -17.94 23.00 -17.57
C PRO B 53 -19.37 23.36 -17.20
N THR B 54 -19.97 22.51 -16.37
CA THR B 54 -21.31 22.72 -15.84
C THR B 54 -21.24 22.71 -14.32
N GLU B 55 -21.90 23.67 -13.69
CA GLU B 55 -21.88 23.82 -12.23
C GLU B 55 -23.28 24.18 -11.75
N PRO B 56 -24.10 23.16 -11.39
CA PRO B 56 -25.48 23.45 -10.97
C PRO B 56 -25.59 24.24 -9.68
N ASP B 57 -24.55 24.28 -8.85
CA ASP B 57 -24.62 24.97 -7.57
C ASP B 57 -25.72 24.43 -6.68
N VAL B 58 -26.81 25.19 -6.52
CA VAL B 58 -27.80 24.87 -5.50
C VAL B 58 -28.40 23.50 -5.71
N ALA B 59 -28.51 23.05 -6.97
CA ALA B 59 -29.19 21.79 -7.25
C ALA B 59 -28.42 20.58 -6.71
N THR B 60 -27.13 20.74 -6.39
CA THR B 60 -26.32 19.61 -5.98
C THR B 60 -25.62 19.85 -4.65
N CYS B 61 -25.35 21.11 -4.33
CA CYS B 61 -24.62 21.46 -3.10
C CYS B 61 -25.62 21.63 -1.96
N ARG B 62 -25.91 20.49 -1.31
CA ARG B 62 -26.85 20.48 -0.19
C ARG B 62 -26.64 19.21 0.62
N PHE B 63 -27.19 19.19 1.83
CA PHE B 63 -26.98 18.07 2.73
C PHE B 63 -27.85 16.88 2.36
N TYR B 64 -27.22 15.73 2.22
CA TYR B 64 -27.89 14.44 2.09
C TYR B 64 -27.59 13.58 3.30
N THR B 65 -28.58 12.82 3.75
CA THR B 65 -28.48 12.01 4.96
C THR B 65 -28.45 10.54 4.59
N LEU B 66 -27.42 9.84 5.07
CA LEU B 66 -27.31 8.40 4.83
C LEU B 66 -28.14 7.63 5.85
N ASP B 67 -28.17 6.31 5.69
CA ASP B 67 -28.88 5.46 6.62
C ASP B 67 -28.19 5.45 7.98
N THR B 68 -28.96 5.27 9.04
CA THR B 68 -28.42 5.26 10.39
C THR B 68 -27.93 3.86 10.76
N VAL B 69 -26.89 3.82 11.58
CA VAL B 69 -26.32 2.57 12.08
C VAL B 69 -26.39 2.61 13.60
N MET B 70 -26.48 1.42 14.20
CA MET B 70 -26.69 1.29 15.63
C MET B 70 -25.39 0.91 16.31
N TRP B 71 -24.98 1.70 17.30
CA TRP B 71 -23.73 1.48 18.03
C TRP B 71 -23.97 0.46 19.12
N GLY B 72 -23.73 -0.80 18.77
CA GLY B 72 -23.84 -1.87 19.76
C GLY B 72 -22.65 -1.90 20.69
N LYS B 73 -22.77 -2.71 21.74
CA LYS B 73 -21.68 -2.82 22.70
C LYS B 73 -20.54 -3.69 22.17
N GLU B 74 -20.80 -4.46 21.12
CA GLU B 74 -19.80 -5.34 20.51
C GLU B 74 -19.41 -4.91 19.10
N SER B 75 -19.81 -3.72 18.66
CA SER B 75 -19.49 -3.26 17.32
C SER B 75 -18.02 -2.89 17.21
N LYS B 76 -17.45 -3.13 16.02
CA LYS B 76 -16.04 -2.86 15.79
C LYS B 76 -15.78 -1.60 14.98
N GLY B 77 -16.70 -1.19 14.13
CA GLY B 77 -16.52 0.03 13.36
C GLY B 77 -17.27 0.04 12.04
N TRP B 78 -17.17 1.16 11.33
CA TRP B 78 -17.83 1.34 10.04
C TRP B 78 -16.95 2.20 9.15
N TRP B 79 -17.14 2.08 7.84
CA TRP B 79 -16.36 2.88 6.89
C TRP B 79 -17.18 3.13 5.63
N TRP B 80 -17.02 4.34 5.09
CA TRP B 80 -17.65 4.73 3.83
C TRP B 80 -16.58 5.30 2.91
N LYS B 81 -16.99 5.65 1.70
CA LYS B 81 -16.09 6.24 0.72
C LYS B 81 -16.86 7.25 -0.13
N LEU B 82 -16.13 8.22 -0.68
CA LEU B 82 -16.72 9.30 -1.44
C LEU B 82 -16.03 9.46 -2.78
N PRO B 83 -16.74 9.89 -3.83
CA PRO B 83 -18.17 10.23 -3.88
C PRO B 83 -19.06 8.99 -4.01
N ASP B 84 -18.53 7.82 -3.69
CA ASP B 84 -19.31 6.59 -3.89
C ASP B 84 -20.60 6.60 -3.07
N ALA B 85 -20.52 7.06 -1.82
CA ALA B 85 -21.68 7.01 -0.95
C ALA B 85 -22.84 7.85 -1.47
N LEU B 86 -22.56 8.79 -2.38
CA LEU B 86 -23.58 9.69 -2.90
C LEU B 86 -23.98 9.35 -4.33
N ARG B 87 -23.91 8.07 -4.72
CA ARG B 87 -24.22 7.71 -6.09
C ARG B 87 -25.67 8.00 -6.43
N ASP B 88 -26.60 7.75 -5.51
CA ASP B 88 -28.03 7.80 -5.79
C ASP B 88 -28.72 9.01 -5.19
N MET B 89 -27.97 10.07 -4.85
CA MET B 89 -28.55 11.24 -4.21
C MET B 89 -29.01 12.23 -5.27
N GLY B 90 -30.09 11.87 -5.98
CA GLY B 90 -30.75 12.81 -6.86
C GLY B 90 -29.85 13.39 -7.92
N LEU B 91 -29.94 14.70 -8.11
CA LEU B 91 -29.25 15.37 -9.20
C LEU B 91 -27.73 15.24 -9.11
N PHE B 92 -27.17 15.12 -7.91
CA PHE B 92 -25.73 14.87 -7.83
C PHE B 92 -25.38 13.55 -8.52
N GLY B 93 -26.12 12.48 -8.23
CA GLY B 93 -25.88 11.22 -8.89
C GLY B 93 -26.14 11.29 -10.38
N GLN B 94 -27.20 11.99 -10.78
CA GLN B 94 -27.49 12.11 -12.21
C GLN B 94 -26.35 12.79 -12.94
N ASN B 95 -25.86 13.91 -12.40
CA ASN B 95 -24.73 14.59 -13.02
C ASN B 95 -23.47 13.75 -13.01
N MET B 96 -23.26 12.98 -11.93
CA MET B 96 -22.09 12.11 -11.88
C MET B 96 -22.11 11.09 -13.00
N TYR B 97 -23.27 10.47 -13.24
CA TYR B 97 -23.35 9.44 -14.27
C TYR B 97 -23.48 9.98 -15.68
N TYR B 98 -23.95 11.21 -15.87
CA TYR B 98 -24.07 11.75 -17.23
C TYR B 98 -22.79 12.36 -17.76
N HIS B 99 -21.80 12.61 -16.91
CA HIS B 99 -20.55 13.24 -17.33
C HIS B 99 -19.37 12.32 -17.11
N TYR B 100 -18.35 12.50 -17.96
CA TYR B 100 -17.14 11.68 -17.89
C TYR B 100 -16.25 12.10 -16.73
N LEU B 101 -16.21 13.39 -16.42
CA LEU B 101 -15.30 13.95 -15.44
C LEU B 101 -16.07 14.72 -14.38
N GLY B 102 -15.50 14.82 -13.18
CA GLY B 102 -16.16 15.49 -12.08
C GLY B 102 -15.17 15.95 -11.04
N ARG B 103 -15.61 16.86 -10.18
CA ARG B 103 -14.79 17.44 -9.14
C ARG B 103 -15.69 18.11 -8.11
N SER B 104 -15.36 17.96 -6.83
CA SER B 104 -16.15 18.60 -5.78
C SER B 104 -15.48 18.39 -4.43
N GLY B 105 -15.77 19.31 -3.50
CA GLY B 105 -15.42 19.14 -2.12
C GLY B 105 -16.57 18.54 -1.34
N TYR B 106 -16.40 18.45 -0.02
CA TYR B 106 -17.42 17.87 0.84
C TYR B 106 -17.39 18.51 2.22
N THR B 107 -18.53 18.44 2.90
CA THR B 107 -18.64 18.78 4.31
C THR B 107 -19.31 17.62 5.03
N VAL B 108 -18.65 17.10 6.06
CA VAL B 108 -19.08 15.88 6.75
C VAL B 108 -19.51 16.25 8.16
N HIS B 109 -20.69 15.79 8.56
CA HIS B 109 -21.25 16.06 9.88
C HIS B 109 -21.78 14.74 10.45
N VAL B 110 -21.22 14.33 11.58
CA VAL B 110 -21.57 13.07 12.23
C VAL B 110 -22.33 13.38 13.51
N GLN B 111 -23.40 12.64 13.77
CA GLN B 111 -24.31 12.92 14.86
C GLN B 111 -24.44 11.70 15.77
N CYS B 112 -24.31 11.93 17.07
CA CYS B 112 -24.48 10.85 18.05
C CYS B 112 -24.67 11.50 19.41
N ASN B 113 -25.78 11.20 20.07
CA ASN B 113 -26.13 11.83 21.34
C ASN B 113 -26.52 10.77 22.36
N ALA B 114 -26.27 11.08 23.64
CA ALA B 114 -26.60 10.19 24.73
C ALA B 114 -26.71 11.01 26.01
N SER B 115 -27.25 10.38 27.05
CA SER B 115 -27.47 11.07 28.30
C SER B 115 -26.15 11.33 29.02
N LYS B 116 -26.25 11.89 30.23
CA LYS B 116 -25.08 12.17 31.04
C LYS B 116 -24.57 10.95 31.80
N PHE B 117 -25.29 9.83 31.77
CA PHE B 117 -24.86 8.62 32.45
C PHE B 117 -24.27 7.58 31.52
N HIS B 118 -24.14 7.89 30.23
CA HIS B 118 -23.44 7.01 29.30
C HIS B 118 -21.97 7.39 29.22
N GLN B 119 -21.17 6.50 28.62
CA GLN B 119 -19.76 6.78 28.42
C GLN B 119 -19.28 6.06 27.17
N GLY B 120 -18.28 6.63 26.54
CA GLY B 120 -17.73 6.08 25.31
C GLY B 120 -17.06 7.16 24.49
N ALA B 121 -16.44 6.74 23.40
CA ALA B 121 -15.72 7.67 22.53
C ALA B 121 -15.60 7.08 21.13
N LEU B 122 -15.83 7.93 20.13
CA LEU B 122 -15.68 7.56 18.73
C LEU B 122 -14.59 8.39 18.08
N GLY B 123 -13.83 7.77 17.18
CA GLY B 123 -12.83 8.50 16.41
C GLY B 123 -13.25 8.59 14.96
N VAL B 124 -13.26 9.80 14.43
CA VAL B 124 -13.68 10.08 13.07
C VAL B 124 -12.45 10.53 12.28
N PHE B 125 -12.16 9.83 11.18
CA PHE B 125 -10.99 10.11 10.37
C PHE B 125 -11.40 10.30 8.91
N ALA B 126 -10.72 11.23 8.24
CA ALA B 126 -10.86 11.42 6.80
C ALA B 126 -9.52 11.11 6.16
N ILE B 127 -9.50 10.13 5.27
CA ILE B 127 -8.27 9.56 4.74
C ILE B 127 -8.26 9.72 3.22
N PRO B 128 -7.25 10.37 2.64
CA PRO B 128 -7.18 10.43 1.16
C PRO B 128 -6.58 9.16 0.59
N GLU B 129 -7.17 8.68 -0.49
CA GLU B 129 -6.72 7.46 -1.15
C GLU B 129 -6.71 6.30 -0.16
N TYR B 130 -7.89 5.99 0.37
CA TYR B 130 -8.03 4.99 1.43
C TYR B 130 -8.16 3.59 0.82
N CYS B 131 -7.00 3.00 0.54
CA CYS B 131 -6.95 1.63 0.06
C CYS B 131 -7.22 0.65 1.19
N LEU B 132 -7.72 -0.53 0.84
CA LEU B 132 -8.07 -1.56 1.81
C LEU B 132 -7.55 -2.90 1.34
N ALA B 133 -7.38 -3.82 2.29
CA ALA B 133 -6.76 -5.10 2.00
C ALA B 133 -7.79 -6.16 1.63
N GLY B 134 -7.34 -7.19 0.91
CA GLY B 134 -8.20 -8.28 0.52
C GLY B 134 -8.34 -9.35 1.59
N ASP B 135 -9.06 -10.41 1.23
CA ASP B 135 -9.38 -11.49 2.17
C ASP B 135 -8.83 -12.85 1.74
N SER B 136 -8.12 -12.94 0.62
CA SER B 136 -7.67 -14.22 0.12
C SER B 136 -6.20 -14.11 -0.28
N ASP B 137 -5.66 -15.21 -0.80
CA ASP B 137 -4.27 -15.25 -1.22
C ASP B 137 -4.02 -14.37 -2.44
N LYS B 138 -4.98 -14.30 -3.35
CA LYS B 138 -4.81 -13.59 -4.61
C LYS B 138 -4.75 -12.09 -4.32
N GLN B 139 -3.64 -11.46 -4.69
CA GLN B 139 -3.45 -10.05 -4.41
C GLN B 139 -4.29 -9.20 -5.35
N ARG B 140 -4.86 -8.12 -4.80
CA ARG B 140 -5.62 -7.14 -5.56
C ARG B 140 -6.78 -7.76 -6.32
N TYR B 141 -7.47 -8.74 -5.72
CA TYR B 141 -8.46 -9.52 -6.43
C TYR B 141 -9.89 -9.13 -6.11
N THR B 142 -10.11 -8.12 -5.28
CA THR B 142 -11.48 -7.73 -4.93
C THR B 142 -12.18 -7.15 -6.14
N SER B 143 -13.50 -7.32 -6.18
CA SER B 143 -14.28 -6.92 -7.34
C SER B 143 -14.87 -5.52 -7.16
N TYR B 144 -15.32 -4.95 -8.27
CA TYR B 144 -15.87 -3.60 -8.25
C TYR B 144 -17.12 -3.52 -7.38
N ALA B 145 -18.05 -4.47 -7.55
CA ALA B 145 -19.30 -4.42 -6.81
C ALA B 145 -19.06 -4.48 -5.31
N ASN B 146 -18.15 -5.35 -4.87
CA ASN B 146 -17.85 -5.46 -3.44
C ASN B 146 -17.00 -4.32 -2.93
N ALA B 147 -16.21 -3.68 -3.80
CA ALA B 147 -15.40 -2.55 -3.37
C ALA B 147 -16.20 -1.25 -3.33
N ASN B 148 -17.38 -1.21 -3.94
CA ASN B 148 -18.24 -0.02 -3.94
C ASN B 148 -19.57 -0.38 -3.27
N PRO B 149 -19.67 -0.25 -1.94
CA PRO B 149 -20.91 -0.64 -1.26
C PRO B 149 -22.05 0.34 -1.43
N GLY B 150 -21.77 1.62 -1.57
CA GLY B 150 -22.83 2.62 -1.61
C GLY B 150 -22.99 3.32 -0.28
N GLU B 151 -24.21 3.77 -0.01
CA GLU B 151 -24.48 4.39 1.29
C GLU B 151 -24.58 3.37 2.40
N ARG B 152 -24.66 2.08 2.06
CA ARG B 152 -24.72 1.05 3.09
C ARG B 152 -23.40 0.93 3.84
N GLY B 153 -22.28 1.21 3.18
CA GLY B 153 -21.00 1.18 3.85
C GLY B 153 -20.51 -0.24 4.13
N GLY B 154 -19.54 -0.31 5.06
CA GLY B 154 -18.94 -1.57 5.44
C GLY B 154 -18.68 -1.61 6.94
N LYS B 155 -17.88 -2.60 7.34
CA LYS B 155 -17.56 -2.81 8.74
C LYS B 155 -16.14 -3.35 8.88
N PHE B 156 -15.59 -3.20 10.07
CA PHE B 156 -14.30 -3.76 10.43
C PHE B 156 -14.46 -5.08 11.16
N TYR B 157 -13.36 -5.81 11.28
CA TYR B 157 -13.33 -7.08 11.99
C TYR B 157 -12.16 -7.09 12.96
N SER B 158 -12.28 -7.90 14.01
CA SER B 158 -11.27 -7.92 15.07
C SER B 158 -10.06 -8.78 14.72
N GLN B 159 -10.13 -9.61 13.68
CA GLN B 159 -9.02 -10.47 13.34
C GLN B 159 -9.12 -10.88 11.87
N PHE B 160 -7.98 -11.29 11.32
CA PHE B 160 -7.91 -11.69 9.91
C PHE B 160 -8.12 -13.19 9.81
N ASN B 161 -9.25 -13.59 9.23
CA ASN B 161 -9.55 -14.99 8.95
C ASN B 161 -9.47 -15.20 7.45
N LYS B 162 -8.58 -16.09 7.01
CA LYS B 162 -8.31 -16.26 5.59
C LYS B 162 -9.47 -16.99 4.92
N ASP B 163 -9.94 -16.45 3.81
CA ASP B 163 -11.11 -17.00 3.15
C ASP B 163 -10.83 -18.37 2.57
N ASN B 164 -11.74 -19.31 2.81
CA ASN B 164 -11.60 -20.67 2.30
C ASN B 164 -12.88 -21.19 1.65
N ALA B 165 -13.67 -20.30 1.05
CA ALA B 165 -14.90 -20.73 0.38
C ALA B 165 -14.58 -21.69 -0.75
N VAL B 166 -15.41 -22.72 -0.89
CA VAL B 166 -15.17 -23.75 -1.90
C VAL B 166 -15.81 -23.39 -3.24
N THR B 167 -17.00 -22.81 -3.23
CA THR B 167 -17.70 -22.55 -4.49
C THR B 167 -17.06 -21.42 -5.28
N SER B 168 -16.69 -20.32 -4.62
CA SER B 168 -16.17 -19.15 -5.29
C SER B 168 -15.30 -18.37 -4.31
N PRO B 169 -14.36 -17.57 -4.80
CA PRO B 169 -13.46 -16.82 -3.91
C PRO B 169 -14.13 -15.69 -3.13
N LYS B 170 -15.28 -15.20 -3.59
CA LYS B 170 -16.08 -14.23 -2.85
C LYS B 170 -15.53 -12.81 -2.87
N ARG B 171 -14.28 -12.64 -3.30
CA ARG B 171 -13.72 -11.35 -3.71
C ARG B 171 -14.24 -10.18 -2.86
N GLU B 172 -13.92 -10.19 -1.56
CA GLU B 172 -14.28 -9.11 -0.65
C GLU B 172 -13.07 -8.63 0.14
N PHE B 173 -13.25 -7.51 0.84
CA PHE B 173 -12.26 -7.02 1.78
C PHE B 173 -12.33 -7.78 3.10
N CYS B 174 -11.35 -7.49 3.97
CA CYS B 174 -11.33 -8.01 5.34
C CYS B 174 -10.52 -7.07 6.20
N PRO B 175 -11.04 -5.86 6.48
CA PRO B 175 -10.28 -4.90 7.28
C PRO B 175 -10.17 -5.30 8.74
N VAL B 176 -8.95 -5.28 9.29
CA VAL B 176 -8.73 -5.52 10.71
C VAL B 176 -8.71 -4.18 11.43
N ASP B 177 -9.42 -4.09 12.55
CA ASP B 177 -9.65 -2.80 13.18
C ASP B 177 -8.34 -2.17 13.68
N TYR B 178 -7.54 -2.93 14.42
CA TYR B 178 -6.35 -2.35 15.02
C TYR B 178 -5.25 -2.08 14.01
N LEU B 179 -5.34 -2.64 12.80
CA LEU B 179 -4.44 -2.29 11.71
C LEU B 179 -5.03 -1.22 10.80
N LEU B 180 -6.19 -0.68 11.14
CA LEU B 180 -6.86 0.35 10.35
C LEU B 180 -7.27 -0.17 8.97
N GLY B 181 -7.17 -1.47 8.76
CA GLY B 181 -7.56 -2.06 7.50
C GLY B 181 -6.56 -1.94 6.37
N CYS B 182 -5.37 -1.36 6.63
CA CYS B 182 -4.39 -1.18 5.58
C CYS B 182 -2.97 -1.49 6.03
N GLY B 183 -2.78 -2.18 7.15
CA GLY B 183 -1.46 -2.60 7.56
C GLY B 183 -0.66 -1.58 8.34
N VAL B 184 -1.31 -0.62 8.98
CA VAL B 184 -0.64 0.38 9.80
C VAL B 184 -1.36 0.45 11.15
N LEU B 185 -0.59 0.64 12.22
CA LEU B 185 -1.17 0.68 13.55
C LEU B 185 -2.17 1.83 13.66
N LEU B 186 -3.28 1.56 14.35
CA LEU B 186 -4.34 2.56 14.47
C LEU B 186 -3.85 3.79 15.23
N GLY B 187 -2.90 3.61 16.15
CA GLY B 187 -2.44 4.73 16.96
C GLY B 187 -1.92 5.89 16.16
N ASN B 188 -1.39 5.64 14.96
CA ASN B 188 -0.81 6.68 14.14
C ASN B 188 -1.82 7.33 13.19
N ALA B 189 -3.10 6.96 13.28
CA ALA B 189 -4.08 7.47 12.34
C ALA B 189 -4.39 8.95 12.57
N PHE B 190 -3.90 9.53 13.66
CA PHE B 190 -4.21 10.93 13.97
C PHE B 190 -3.40 11.92 13.14
N VAL B 191 -2.55 11.46 12.22
CA VAL B 191 -1.93 12.38 11.27
C VAL B 191 -2.94 12.85 10.24
N TYR B 192 -3.99 12.07 9.99
CA TYR B 192 -5.06 12.50 9.10
C TYR B 192 -5.96 13.50 9.82
N PRO B 193 -6.72 14.30 9.07
CA PRO B 193 -7.74 15.14 9.71
C PRO B 193 -8.72 14.28 10.49
N HIS B 194 -9.12 14.74 11.68
CA HIS B 194 -9.90 13.88 12.56
C HIS B 194 -10.60 14.74 13.61
N GLN B 195 -11.54 14.10 14.31
CA GLN B 195 -12.13 14.63 15.52
C GLN B 195 -12.60 13.45 16.36
N ILE B 196 -12.82 13.71 17.65
CA ILE B 196 -13.24 12.70 18.60
C ILE B 196 -14.58 13.12 19.20
N ILE B 197 -15.53 12.20 19.21
CA ILE B 197 -16.84 12.41 19.84
C ILE B 197 -16.81 11.69 21.18
N ASN B 198 -16.61 12.46 22.25
CA ASN B 198 -16.59 11.93 23.60
C ASN B 198 -17.90 12.29 24.28
N LEU B 199 -18.64 11.28 24.74
CA LEU B 199 -20.02 11.49 25.16
C LEU B 199 -20.17 12.43 26.34
N ARG B 200 -19.10 12.70 27.09
CA ARG B 200 -19.19 13.65 28.19
C ARG B 200 -18.85 15.08 27.78
N THR B 201 -18.42 15.30 26.53
CA THR B 201 -18.00 16.63 26.09
C THR B 201 -18.84 17.15 24.93
N ASN B 202 -19.07 16.34 23.90
CA ASN B 202 -19.75 16.80 22.71
C ASN B 202 -20.59 15.67 22.13
N ASN B 203 -21.37 15.99 21.11
CA ASN B 203 -22.25 15.02 20.47
C ASN B 203 -22.24 15.09 18.96
N SER B 204 -21.26 15.76 18.34
CA SER B 204 -21.18 15.82 16.89
C SER B 204 -19.78 16.23 16.48
N ALA B 205 -19.45 15.95 15.22
CA ALA B 205 -18.16 16.31 14.65
C ALA B 205 -18.36 16.85 13.24
N THR B 206 -17.59 17.88 12.89
CA THR B 206 -17.72 18.54 11.59
C THR B 206 -16.33 18.67 10.97
N ILE B 207 -16.23 18.29 9.70
CA ILE B 207 -14.98 18.35 8.95
C ILE B 207 -15.27 18.86 7.55
N VAL B 208 -14.43 19.78 7.07
CA VAL B 208 -14.53 20.31 5.72
C VAL B 208 -13.37 19.75 4.89
N LEU B 209 -13.70 19.18 3.73
CA LEU B 209 -12.73 18.47 2.91
C LEU B 209 -12.59 19.14 1.56
N PRO B 210 -11.41 19.62 1.16
CA PRO B 210 -11.22 20.11 -0.20
C PRO B 210 -10.99 18.96 -1.17
N TYR B 211 -10.76 19.32 -2.43
CA TYR B 211 -10.47 18.32 -3.46
C TYR B 211 -8.98 18.01 -3.44
N VAL B 212 -8.63 16.76 -3.10
CA VAL B 212 -7.24 16.31 -3.04
C VAL B 212 -7.06 15.27 -4.12
N ASN B 213 -6.11 15.51 -5.02
CA ASN B 213 -5.80 14.58 -6.10
C ASN B 213 -4.54 15.06 -6.80
N ALA B 214 -3.96 14.18 -7.60
CA ALA B 214 -2.79 14.51 -8.40
C ALA B 214 -3.15 15.18 -9.71
N LEU B 215 -4.45 15.43 -9.95
CA LEU B 215 -4.92 15.99 -11.21
C LEU B 215 -5.91 17.10 -10.89
N ALA B 216 -6.07 18.01 -11.87
CA ALA B 216 -7.05 19.07 -11.70
C ALA B 216 -8.47 18.51 -11.66
N ILE B 217 -8.76 17.49 -12.47
CA ILE B 217 -10.08 16.89 -12.53
C ILE B 217 -9.91 15.44 -12.95
N ASP B 218 -10.77 14.57 -12.42
CA ASP B 218 -10.62 13.13 -12.65
C ASP B 218 -12.01 12.51 -12.71
N SER B 219 -12.05 11.25 -13.16
CA SER B 219 -13.30 10.52 -13.28
C SER B 219 -13.84 10.16 -11.91
N MET B 220 -15.16 10.25 -11.74
CA MET B 220 -15.78 9.95 -10.46
C MET B 220 -16.25 8.51 -10.36
N VAL B 221 -16.59 7.87 -11.47
CA VAL B 221 -17.14 6.53 -11.41
C VAL B 221 -16.05 5.48 -11.18
N LYS B 222 -14.79 5.84 -11.40
CA LYS B 222 -13.69 4.89 -11.32
C LYS B 222 -12.84 5.06 -10.06
N HIS B 223 -12.69 6.30 -9.59
CA HIS B 223 -11.70 6.62 -8.57
C HIS B 223 -12.40 7.29 -7.39
N ASN B 224 -12.15 6.79 -6.18
CA ASN B 224 -12.60 7.42 -4.95
C ASN B 224 -11.42 8.11 -4.29
N ASN B 225 -11.58 9.38 -3.94
CA ASN B 225 -10.47 10.19 -3.47
C ASN B 225 -10.54 10.53 -1.98
N TRP B 226 -11.61 10.16 -1.28
CA TRP B 226 -11.72 10.33 0.16
C TRP B 226 -12.33 9.10 0.79
N GLY B 227 -12.00 8.86 2.05
CA GLY B 227 -12.58 7.77 2.81
C GLY B 227 -12.89 8.23 4.23
N ILE B 228 -13.95 7.67 4.79
CA ILE B 228 -14.41 8.01 6.14
C ILE B 228 -14.37 6.74 6.97
N ALA B 229 -13.72 6.82 8.13
CA ALA B 229 -13.60 5.69 9.04
C ALA B 229 -14.03 6.12 10.44
N ILE B 230 -14.93 5.35 11.05
CA ILE B 230 -15.41 5.61 12.40
C ILE B 230 -15.10 4.38 13.24
N LEU B 231 -14.36 4.57 14.32
CA LEU B 231 -13.92 3.47 15.17
C LEU B 231 -14.19 3.83 16.63
N PRO B 232 -14.76 2.92 17.42
CA PRO B 232 -14.95 3.22 18.85
C PRO B 232 -13.66 3.08 19.65
N LEU B 233 -13.07 4.19 20.05
CA LEU B 233 -11.83 4.14 20.82
C LEU B 233 -12.07 3.56 22.20
N SER B 234 -13.22 3.86 22.79
CA SER B 234 -13.58 3.32 24.10
C SER B 234 -14.99 2.72 24.00
N PRO B 235 -15.19 1.48 24.46
CA PRO B 235 -16.48 0.82 24.25
C PRO B 235 -17.60 1.49 25.03
N LEU B 236 -18.81 1.33 24.51
CA LEU B 236 -19.99 1.92 25.13
C LEU B 236 -20.36 1.16 26.40
N ASP B 237 -20.80 1.90 27.42
CA ASP B 237 -21.28 1.32 28.67
C ASP B 237 -22.46 2.11 29.20
N PHE B 238 -23.35 1.40 29.89
CA PHE B 238 -24.50 2.01 30.55
C PHE B 238 -24.73 1.29 31.87
N ALA B 239 -25.49 1.91 32.76
CA ALA B 239 -25.62 1.43 34.12
C ALA B 239 -26.06 -0.03 34.21
N GLN B 240 -25.14 -0.90 34.63
CA GLN B 240 -25.43 -2.28 35.02
C GLN B 240 -26.34 -3.00 34.04
N ASP B 241 -26.17 -2.78 32.74
CA ASP B 241 -26.89 -3.54 31.74
C ASP B 241 -26.06 -3.61 30.46
N SER B 242 -26.33 -4.64 29.65
CA SER B 242 -25.51 -4.95 28.49
C SER B 242 -26.27 -4.95 27.17
N SER B 243 -27.56 -4.60 27.16
CA SER B 243 -28.33 -4.53 25.93
C SER B 243 -28.39 -3.12 25.34
N VAL B 244 -27.66 -2.18 25.91
CA VAL B 244 -27.75 -0.79 25.46
C VAL B 244 -27.20 -0.64 24.05
N GLU B 245 -27.79 0.28 23.29
CA GLU B 245 -27.26 0.65 21.99
C GLU B 245 -27.88 1.97 21.56
N ILE B 246 -27.11 2.77 20.84
CA ILE B 246 -27.56 4.09 20.41
C ILE B 246 -27.20 4.30 18.94
N PRO B 247 -27.97 5.12 18.24
CA PRO B 247 -27.76 5.27 16.80
C PRO B 247 -26.65 6.23 16.45
N ILE B 248 -26.19 6.13 15.20
CA ILE B 248 -25.23 7.07 14.62
C ILE B 248 -25.74 7.46 13.24
N THR B 249 -25.63 8.74 12.91
CA THR B 249 -26.10 9.25 11.63
C THR B 249 -25.02 10.10 10.98
N VAL B 250 -24.95 10.05 9.66
CA VAL B 250 -23.92 10.74 8.89
C VAL B 250 -24.59 11.57 7.81
N THR B 251 -24.18 12.83 7.68
CA THR B 251 -24.72 13.76 6.71
C THR B 251 -23.56 14.36 5.92
N ILE B 252 -23.73 14.48 4.60
CA ILE B 252 -22.67 14.95 3.71
C ILE B 252 -23.27 15.91 2.70
N ALA B 253 -22.49 16.91 2.29
CA ALA B 253 -22.94 17.92 1.34
C ALA B 253 -21.80 18.27 0.39
N PRO B 254 -21.95 18.05 -0.91
CA PRO B 254 -20.91 18.49 -1.85
C PRO B 254 -20.78 20.00 -1.87
N MET B 255 -19.56 20.47 -2.17
CA MET B 255 -19.29 21.90 -2.24
C MET B 255 -18.47 22.19 -3.50
N CYS B 256 -18.86 23.24 -4.23
CA CYS B 256 -18.14 23.68 -5.42
C CYS B 256 -17.95 22.52 -6.41
N SER B 257 -19.07 22.00 -6.90
CA SER B 257 -19.03 20.89 -7.83
C SER B 257 -19.08 21.38 -9.27
N GLU B 258 -18.35 20.70 -10.16
CA GLU B 258 -18.39 21.00 -11.58
C GLU B 258 -18.11 19.75 -12.38
N PHE B 259 -18.87 19.56 -13.45
CA PHE B 259 -18.80 18.39 -14.31
C PHE B 259 -18.56 18.86 -15.74
N ASN B 260 -17.75 18.12 -16.50
CA ASN B 260 -17.23 18.67 -17.74
C ASN B 260 -17.64 17.91 -19.00
N GLY B 261 -17.36 16.61 -19.10
CA GLY B 261 -17.56 15.89 -20.34
C GLY B 261 -18.88 15.17 -20.46
N LEU B 262 -19.78 15.67 -21.30
CA LEU B 262 -21.13 15.14 -21.39
C LEU B 262 -21.25 14.06 -22.47
N ARG B 263 -22.08 13.06 -22.17
CA ARG B 263 -22.32 11.94 -23.07
C ARG B 263 -23.59 11.23 -22.60
N ASN B 264 -23.84 10.03 -23.12
CA ASN B 264 -24.98 9.25 -22.66
C ASN B 264 -24.70 8.66 -21.28
N VAL B 265 -25.77 8.20 -20.64
CA VAL B 265 -25.70 7.88 -19.21
C VAL B 265 -25.00 6.54 -18.99
N THR B 266 -24.34 6.41 -17.86
CA THR B 266 -23.70 5.17 -17.47
C THR B 266 -24.62 4.36 -16.55
N ALA B 267 -24.42 3.04 -16.55
CA ALA B 267 -25.24 2.14 -15.75
C ALA B 267 -24.39 0.98 -15.24
N PRO B 268 -23.68 1.18 -14.13
CA PRO B 268 -22.82 0.12 -13.60
C PRO B 268 -23.64 -1.09 -13.16
N LYS B 269 -23.01 -2.26 -13.21
CA LYS B 269 -23.64 -3.51 -12.80
C LYS B 269 -23.19 -3.83 -11.38
N PHE B 270 -24.15 -3.88 -10.46
CA PHE B 270 -23.87 -4.20 -9.07
C PHE B 270 -24.42 -5.56 -8.69
N GLY C 1 47.56 18.54 -23.90
CA GLY C 1 46.53 19.39 -23.26
C GLY C 1 46.95 19.86 -21.88
N LEU C 2 45.97 20.07 -21.01
CA LEU C 2 46.25 20.52 -19.66
C LEU C 2 46.79 19.36 -18.83
N PRO C 3 48.00 19.47 -18.28
CA PRO C 3 48.48 18.40 -17.39
C PRO C 3 47.60 18.27 -16.15
N VAL C 4 47.37 17.02 -15.73
CA VAL C 4 46.54 16.73 -14.57
C VAL C 4 47.19 15.61 -13.77
N LEU C 5 46.74 15.46 -12.53
CA LEU C 5 47.22 14.42 -11.63
C LEU C 5 46.04 13.90 -10.82
N ASN C 6 45.86 12.58 -10.80
CA ASN C 6 44.71 11.96 -10.16
C ASN C 6 45.00 11.71 -8.69
N THR C 7 44.11 12.18 -7.82
CA THR C 7 44.28 12.01 -6.38
C THR C 7 43.58 10.73 -5.92
N PRO C 8 43.90 10.26 -4.72
CA PRO C 8 43.23 9.07 -4.19
C PRO C 8 41.73 9.28 -4.11
N GLY C 9 40.98 8.20 -4.33
CA GLY C 9 39.54 8.26 -4.36
C GLY C 9 38.94 8.31 -5.76
N SER C 10 39.75 8.18 -6.80
CA SER C 10 39.24 8.23 -8.15
C SER C 10 38.52 6.93 -8.51
N ASN C 11 37.48 7.05 -9.32
CA ASN C 11 36.71 5.93 -9.85
C ASN C 11 35.96 5.16 -8.78
N GLN C 12 35.84 5.71 -7.56
CA GLN C 12 35.06 5.06 -6.53
C GLN C 12 33.59 5.45 -6.65
N TYR C 13 32.74 4.73 -5.93
CA TYR C 13 31.31 5.02 -5.86
C TYR C 13 30.89 5.11 -4.41
N LEU C 14 30.52 6.31 -3.98
CA LEU C 14 30.02 6.57 -2.63
C LEU C 14 28.54 6.91 -2.73
N THR C 15 27.70 6.13 -2.06
CA THR C 15 26.26 6.25 -2.23
C THR C 15 25.71 7.58 -1.73
N SER C 16 26.47 8.32 -0.92
CA SER C 16 26.01 9.59 -0.37
C SER C 16 26.68 10.79 -1.02
N ASP C 17 27.27 10.63 -2.20
CA ASP C 17 27.91 11.75 -2.88
C ASP C 17 26.87 12.62 -3.56
N ASN C 18 27.35 13.68 -4.21
CA ASN C 18 26.47 14.67 -4.86
C ASN C 18 27.23 15.23 -6.07
N HIS C 19 26.98 14.66 -7.24
CA HIS C 19 27.66 15.06 -8.47
C HIS C 19 26.67 15.10 -9.62
N GLN C 20 27.09 15.76 -10.70
CA GLN C 20 26.28 15.88 -11.90
C GLN C 20 26.45 14.64 -12.78
N SER C 21 25.51 14.44 -13.68
CA SER C 21 25.54 13.28 -14.58
C SER C 21 24.73 13.62 -15.81
N PRO C 22 25.03 12.99 -16.95
CA PRO C 22 24.28 13.29 -18.17
C PRO C 22 22.85 12.78 -18.11
N CYS C 23 21.98 13.45 -18.86
CA CYS C 23 20.58 13.05 -18.93
C CYS C 23 20.36 12.10 -20.10
N ALA C 24 19.45 11.14 -19.92
CA ALA C 24 19.19 10.14 -20.95
C ALA C 24 18.04 10.51 -21.87
N ILE C 25 17.21 11.48 -21.48
CA ILE C 25 16.07 11.89 -22.30
C ILE C 25 16.12 13.41 -22.47
N PRO C 26 17.02 13.94 -23.29
CA PRO C 26 17.14 15.39 -23.41
C PRO C 26 15.92 16.02 -24.05
N GLU C 27 15.67 17.27 -23.67
CA GLU C 27 14.58 18.08 -24.22
C GLU C 27 13.21 17.52 -23.89
N PHE C 28 13.08 16.79 -22.78
CA PHE C 28 11.79 16.25 -22.38
C PHE C 28 10.87 17.40 -21.95
N ASP C 29 9.56 17.23 -22.24
CA ASP C 29 8.57 18.24 -21.92
C ASP C 29 7.90 17.88 -20.61
N VAL C 30 8.36 18.52 -19.53
CA VAL C 30 7.90 18.17 -18.19
C VAL C 30 6.53 18.79 -17.93
N THR C 31 5.70 18.09 -17.18
CA THR C 31 4.37 18.58 -16.87
C THR C 31 4.46 19.61 -15.74
N PRO C 32 3.83 20.77 -15.88
CA PRO C 32 3.92 21.80 -14.82
C PRO C 32 3.20 21.34 -13.56
N PRO C 33 3.60 21.86 -12.40
CA PRO C 33 2.96 21.44 -11.16
C PRO C 33 1.66 22.20 -10.89
N ILE C 34 0.96 21.78 -9.84
CA ILE C 34 -0.23 22.45 -9.36
C ILE C 34 -0.17 22.51 -7.84
N ASP C 35 -1.12 23.24 -7.25
CA ASP C 35 -1.15 23.47 -5.82
C ASP C 35 -2.01 22.42 -5.13
N ILE C 36 -1.35 21.37 -4.68
CA ILE C 36 -2.04 20.29 -3.96
C ILE C 36 -2.01 20.58 -2.46
N PRO C 37 -3.14 20.49 -1.75
CA PRO C 37 -3.11 20.75 -0.31
C PRO C 37 -2.23 19.78 0.45
N GLY C 38 -1.60 20.28 1.52
CA GLY C 38 -0.88 19.43 2.44
C GLY C 38 0.55 19.14 2.07
N GLU C 39 1.35 20.16 1.82
CA GLU C 39 2.76 19.94 1.50
C GLU C 39 3.60 19.89 2.78
N VAL C 40 4.62 19.04 2.77
CA VAL C 40 5.52 18.85 3.91
C VAL C 40 6.92 19.23 3.48
N LYS C 41 7.62 19.96 4.34
CA LYS C 41 8.98 20.41 4.05
C LYS C 41 10.03 19.91 5.03
N ASN C 42 9.64 19.33 6.16
CA ASN C 42 10.59 18.80 7.12
C ASN C 42 9.94 17.65 7.87
N MET C 43 10.77 16.69 8.30
CA MET C 43 10.24 15.50 8.95
C MET C 43 9.75 15.77 10.36
N MET C 44 10.33 16.75 11.07
CA MET C 44 9.87 17.05 12.41
C MET C 44 8.41 17.49 12.44
N GLU C 45 7.90 18.05 11.34
CA GLU C 45 6.49 18.40 11.30
C GLU C 45 5.61 17.18 11.57
N LEU C 46 6.05 16.00 11.13
CA LEU C 46 5.32 14.77 11.43
C LEU C 46 5.49 14.37 12.90
N ALA C 47 6.65 14.64 13.48
CA ALA C 47 6.88 14.28 14.88
C ALA C 47 6.17 15.21 15.85
N GLU C 48 5.74 16.38 15.40
CA GLU C 48 5.08 17.35 16.26
C GLU C 48 3.56 17.17 16.28
N ILE C 49 3.05 15.98 15.99
CA ILE C 49 1.62 15.69 15.97
C ILE C 49 1.31 14.63 17.00
N ASP C 50 0.22 14.81 17.76
CA ASP C 50 -0.15 13.86 18.79
C ASP C 50 -0.57 12.53 18.20
N THR C 51 -0.21 11.44 18.87
CA THR C 51 -0.63 10.10 18.50
C THR C 51 -0.75 9.25 19.75
N MET C 52 -1.62 8.24 19.70
CA MET C 52 -1.88 7.43 20.88
C MET C 52 -0.70 6.53 21.21
N ILE C 53 -0.61 6.14 22.46
CA ILE C 53 0.45 5.26 22.95
C ILE C 53 -0.16 3.91 23.28
N PRO C 54 0.44 2.80 22.86
CA PRO C 54 -0.03 1.49 23.34
C PRO C 54 0.46 1.23 24.75
N LEU C 55 -0.26 1.78 25.74
CA LEU C 55 0.23 1.77 27.11
C LEU C 55 0.21 0.38 27.74
N ASN C 56 -0.78 -0.44 27.40
CA ASN C 56 -1.03 -1.65 28.18
C ASN C 56 -0.01 -2.75 27.87
N LEU C 57 -0.04 -3.28 26.64
CA LEU C 57 0.89 -4.32 26.21
C LEU C 57 1.01 -5.47 27.20
N GLU C 58 -0.07 -5.83 27.90
CA GLU C 58 -0.04 -7.04 28.69
C GLU C 58 -0.06 -8.26 27.79
N SER C 59 0.01 -9.44 28.40
CA SER C 59 0.11 -10.68 27.63
C SER C 59 -1.09 -10.87 26.73
N THR C 60 -2.29 -10.66 27.26
CA THR C 60 -3.52 -10.89 26.50
C THR C 60 -4.08 -9.61 25.87
N LYS C 61 -3.43 -8.47 26.07
CA LYS C 61 -3.91 -7.21 25.52
C LYS C 61 -3.11 -6.78 24.29
N ARG C 62 -1.85 -7.21 24.19
CA ARG C 62 -0.98 -6.78 23.11
C ARG C 62 -1.51 -7.26 21.76
N ASN C 63 -1.29 -6.44 20.73
CA ASN C 63 -1.73 -6.73 19.37
C ASN C 63 -3.24 -6.84 19.27
N THR C 64 -3.95 -6.08 20.11
CA THR C 64 -5.39 -5.93 20.00
C THR C 64 -5.73 -4.49 20.35
N MET C 65 -6.96 -4.09 20.03
CA MET C 65 -7.36 -2.70 20.28
C MET C 65 -7.40 -2.38 21.76
N ASP C 66 -7.37 -3.38 22.63
CA ASP C 66 -7.38 -3.12 24.08
C ASP C 66 -6.07 -2.54 24.57
N MET C 67 -5.03 -2.52 23.73
CA MET C 67 -3.72 -2.08 24.21
C MET C 67 -3.62 -0.57 24.33
N TYR C 68 -4.57 0.18 23.78
CA TYR C 68 -4.52 1.63 23.83
C TYR C 68 -5.21 2.23 25.04
N ARG C 69 -5.99 1.46 25.79
CA ARG C 69 -6.85 1.99 26.84
C ARG C 69 -6.43 1.44 28.20
N VAL C 70 -6.26 2.35 29.16
CA VAL C 70 -5.94 2.01 30.54
C VAL C 70 -7.19 2.18 31.38
N THR C 71 -7.42 1.24 32.30
CA THR C 71 -8.67 1.18 33.04
C THR C 71 -8.54 1.87 34.40
N LEU C 72 -9.55 2.66 34.75
CA LEU C 72 -9.66 3.31 36.04
C LEU C 72 -10.94 2.87 36.72
N SER C 73 -10.92 2.89 38.06
CA SER C 73 -12.09 2.50 38.83
C SER C 73 -12.04 3.19 40.18
N ASP C 74 -13.21 3.23 40.83
CA ASP C 74 -13.32 3.88 42.13
C ASP C 74 -13.00 2.95 43.29
N SER C 75 -12.72 1.67 43.03
CA SER C 75 -12.39 0.72 44.08
C SER C 75 -10.93 0.28 44.04
N ALA C 76 -10.12 0.88 43.17
CA ALA C 76 -8.71 0.51 43.10
C ALA C 76 -7.98 0.99 44.34
N ASP C 77 -6.98 0.21 44.76
CA ASP C 77 -6.17 0.59 45.90
C ASP C 77 -5.39 1.85 45.57
N LEU C 78 -5.44 2.84 46.46
CA LEU C 78 -4.87 4.15 46.17
C LEU C 78 -3.39 4.22 46.46
N SER C 79 -2.78 3.15 46.97
CA SER C 79 -1.38 3.21 47.36
C SER C 79 -0.42 2.69 46.30
N GLN C 80 -0.89 2.38 45.10
CA GLN C 80 -0.04 1.79 44.08
C GLN C 80 -0.16 2.55 42.76
N PRO C 81 0.88 2.50 41.92
CA PRO C 81 0.87 3.30 40.70
C PRO C 81 -0.12 2.80 39.68
N ILE C 82 -0.48 3.68 38.75
CA ILE C 82 -1.38 3.31 37.66
C ILE C 82 -0.58 2.79 36.47
N LEU C 83 0.48 3.49 36.08
CA LEU C 83 1.32 3.07 34.97
C LEU C 83 2.72 3.62 35.17
N CYS C 84 3.67 3.04 34.44
CA CYS C 84 5.07 3.42 34.54
C CYS C 84 5.73 3.29 33.18
N LEU C 85 6.67 4.19 32.89
CA LEU C 85 7.38 4.19 31.61
C LEU C 85 8.84 4.55 31.84
N SER C 86 9.66 4.23 30.85
CA SER C 86 11.06 4.66 30.80
C SER C 86 11.24 5.62 29.64
N LEU C 87 11.83 6.77 29.90
CA LEU C 87 11.95 7.83 28.89
C LEU C 87 13.05 7.46 27.91
N SER C 88 12.72 6.55 26.99
CA SER C 88 13.60 6.20 25.88
C SER C 88 12.75 6.10 24.63
N PRO C 89 12.49 7.22 23.96
CA PRO C 89 11.48 7.22 22.89
C PRO C 89 11.70 6.18 21.81
N ALA C 90 12.94 5.92 21.42
CA ALA C 90 13.21 5.07 20.27
C ALA C 90 13.36 3.60 20.62
N PHE C 91 13.42 3.25 21.90
CA PHE C 91 13.65 1.88 22.31
C PHE C 91 12.55 1.27 23.16
N ASP C 92 11.92 2.05 24.04
CA ASP C 92 10.92 1.48 24.92
C ASP C 92 9.81 0.85 24.08
N PRO C 93 9.37 -0.37 24.40
CA PRO C 93 8.39 -1.04 23.54
C PRO C 93 7.08 -0.30 23.41
N ARG C 94 6.77 0.60 24.35
CA ARG C 94 5.51 1.35 24.26
C ARG C 94 5.65 2.56 23.35
N LEU C 95 6.76 3.30 23.48
CA LEU C 95 6.93 4.52 22.70
C LEU C 95 7.56 4.26 21.34
N SER C 96 8.08 3.06 21.11
CA SER C 96 8.86 2.82 19.90
C SER C 96 8.02 2.94 18.63
N HIS C 97 6.79 2.44 18.64
CA HIS C 97 5.97 2.36 17.44
C HIS C 97 5.02 3.54 17.26
N THR C 98 5.08 4.55 18.12
CA THR C 98 4.33 5.77 17.86
C THR C 98 4.94 6.49 16.66
N MET C 99 4.31 7.59 16.25
CA MET C 99 4.84 8.38 15.15
C MET C 99 6.21 8.94 15.50
N LEU C 100 6.35 9.46 16.73
CA LEU C 100 7.64 10.00 17.16
C LEU C 100 8.71 8.93 17.14
N GLY C 101 8.40 7.74 17.66
CA GLY C 101 9.37 6.67 17.65
C GLY C 101 9.73 6.22 16.25
N GLU C 102 8.73 6.15 15.36
CA GLU C 102 8.99 5.74 13.99
C GLU C 102 9.91 6.72 13.29
N VAL C 103 9.70 8.02 13.49
CA VAL C 103 10.59 9.01 12.90
C VAL C 103 11.97 8.94 13.52
N LEU C 104 12.04 8.69 14.84
CA LEU C 104 13.34 8.64 15.50
C LEU C 104 14.16 7.43 15.07
N ASN C 105 13.51 6.32 14.72
CA ASN C 105 14.23 5.10 14.42
C ASN C 105 15.10 5.21 13.17
N TYR C 106 14.93 6.24 12.36
CA TYR C 106 15.81 6.49 11.23
C TYR C 106 17.00 7.36 11.59
N TYR C 107 17.14 7.74 12.86
CA TYR C 107 18.21 8.63 13.29
C TYR C 107 18.84 8.07 14.56
N THR C 108 20.11 8.43 14.79
CA THR C 108 20.84 7.89 15.92
C THR C 108 20.84 8.81 17.14
N HIS C 109 20.67 10.11 16.94
CA HIS C 109 20.77 11.08 18.02
C HIS C 109 19.52 11.94 18.06
N TRP C 110 19.14 12.35 19.27
CA TRP C 110 17.95 13.17 19.46
C TRP C 110 18.14 14.08 20.66
N ALA C 111 17.39 15.17 20.69
CA ALA C 111 17.48 16.14 21.79
C ALA C 111 16.30 17.09 21.71
N GLY C 112 15.70 17.37 22.85
CA GLY C 112 14.59 18.29 22.96
C GLY C 112 13.63 17.89 24.06
N SER C 113 12.49 18.59 24.09
CA SER C 113 11.47 18.35 25.10
C SER C 113 10.31 17.55 24.51
N LEU C 114 9.54 16.91 25.39
CA LEU C 114 8.42 16.07 25.01
C LEU C 114 7.17 16.49 25.77
N LYS C 115 6.02 16.21 25.18
CA LYS C 115 4.73 16.51 25.78
C LYS C 115 3.91 15.23 25.89
N PHE C 116 3.28 15.01 27.04
CA PHE C 116 2.36 13.91 27.25
C PHE C 116 0.97 14.47 27.54
N THR C 117 -0.02 13.97 26.83
CA THR C 117 -1.41 14.40 26.98
C THR C 117 -2.28 13.19 27.27
N PHE C 118 -3.22 13.35 28.19
CA PHE C 118 -4.10 12.28 28.61
C PHE C 118 -5.55 12.71 28.46
N LEU C 119 -6.40 11.77 28.07
CA LEU C 119 -7.82 12.03 27.84
C LEU C 119 -8.64 11.09 28.71
N PHE C 120 -9.63 11.65 29.40
CA PHE C 120 -10.48 10.91 30.32
C PHE C 120 -11.82 10.62 29.65
N CYS C 121 -12.17 9.34 29.56
CA CYS C 121 -13.34 8.89 28.82
C CYS C 121 -14.43 8.33 29.73
N GLY C 122 -14.57 8.89 30.94
CA GLY C 122 -15.61 8.47 31.84
C GLY C 122 -16.93 9.16 31.55
N SER C 123 -17.91 8.90 32.40
CA SER C 123 -19.21 9.53 32.27
C SER C 123 -19.17 10.96 32.79
N MET C 124 -20.21 11.72 32.47
CA MET C 124 -20.25 13.13 32.84
C MET C 124 -20.36 13.32 34.35
N MET C 125 -20.83 12.30 35.08
CA MET C 125 -21.03 12.44 36.52
C MET C 125 -19.81 12.02 37.34
N ALA C 126 -18.78 11.48 36.70
CA ALA C 126 -17.60 11.05 37.44
C ALA C 126 -16.64 12.22 37.66
N THR C 127 -15.86 12.13 38.73
CA THR C 127 -14.92 13.19 39.08
C THR C 127 -13.77 12.60 39.88
N GLY C 128 -12.65 13.34 39.90
CA GLY C 128 -11.49 12.89 40.63
C GLY C 128 -10.28 13.74 40.28
N LYS C 129 -9.16 13.39 40.89
CA LYS C 129 -7.88 14.05 40.63
C LYS C 129 -6.80 13.00 40.49
N ILE C 130 -5.76 13.34 39.71
CA ILE C 130 -4.67 12.42 39.39
C ILE C 130 -3.37 13.19 39.38
N LEU C 131 -2.29 12.51 39.77
CA LEU C 131 -0.96 13.09 39.81
C LEU C 131 -0.04 12.34 38.86
N VAL C 132 0.68 13.08 38.02
CA VAL C 132 1.62 12.52 37.06
C VAL C 132 2.96 13.21 37.24
N ALA C 133 4.04 12.44 37.27
CA ALA C 133 5.35 12.95 37.67
C ALA C 133 6.44 12.45 36.74
N TYR C 134 7.54 13.20 36.69
CA TYR C 134 8.73 12.85 35.93
C TYR C 134 9.95 12.98 36.84
N ALA C 135 10.81 11.96 36.82
CA ALA C 135 11.97 11.92 37.69
C ALA C 135 13.24 11.68 36.88
N PRO C 136 14.19 12.61 36.84
CA PRO C 136 15.45 12.36 36.12
C PRO C 136 16.18 11.16 36.70
N PRO C 137 17.10 10.57 35.94
CA PRO C 137 17.76 9.34 36.40
C PRO C 137 18.70 9.60 37.55
N GLY C 138 19.33 8.51 38.00
CA GLY C 138 20.34 8.57 39.04
C GLY C 138 19.88 8.18 40.43
N ALA C 139 18.66 7.69 40.58
CA ALA C 139 18.14 7.31 41.89
C ALA C 139 17.18 6.15 41.72
N GLN C 140 16.60 5.71 42.84
CA GLN C 140 15.64 4.62 42.80
C GLN C 140 14.43 5.04 41.99
N PRO C 141 13.94 4.22 41.07
CA PRO C 141 12.70 4.55 40.36
C PRO C 141 11.56 4.72 41.35
N PRO C 142 10.71 5.74 41.16
CA PRO C 142 9.62 5.96 42.11
C PRO C 142 8.70 4.75 42.20
N THR C 143 8.25 4.45 43.42
CA THR C 143 7.32 3.37 43.66
C THR C 143 6.15 3.77 44.55
N SER C 144 6.10 5.03 44.99
CA SER C 144 4.99 5.52 45.79
C SER C 144 4.86 7.02 45.58
N ARG C 145 3.68 7.55 45.85
CA ARG C 145 3.45 8.98 45.63
C ARG C 145 4.36 9.82 46.49
N LYS C 146 4.69 9.34 47.70
CA LYS C 146 5.58 10.08 48.58
C LYS C 146 6.90 10.38 47.91
N GLU C 147 7.38 9.48 47.05
CA GLU C 147 8.62 9.68 46.32
C GLU C 147 8.38 10.39 44.99
N ALA C 148 7.30 10.05 44.30
CA ALA C 148 7.03 10.65 43.00
C ALA C 148 6.80 12.15 43.11
N MET C 149 6.30 12.63 44.25
CA MET C 149 5.99 14.04 44.41
C MET C 149 7.23 14.92 44.41
N LEU C 150 8.43 14.34 44.59
CA LEU C 150 9.64 15.16 44.69
C LEU C 150 10.16 15.61 43.34
N GLY C 151 9.81 14.93 42.26
CA GLY C 151 10.26 15.32 40.94
C GLY C 151 9.28 16.28 40.27
N THR C 152 9.55 16.54 38.99
CA THR C 152 8.63 17.35 38.20
C THR C 152 7.29 16.65 38.09
N HIS C 153 6.20 17.35 38.41
CA HIS C 153 4.89 16.73 38.44
C HIS C 153 3.80 17.77 38.24
N VAL C 154 2.63 17.27 37.83
CA VAL C 154 1.45 18.10 37.61
C VAL C 154 0.25 17.41 38.25
N ILE C 155 -0.62 18.18 38.87
CA ILE C 155 -1.84 17.67 39.50
C ILE C 155 -3.00 17.98 38.56
N TRP C 156 -3.74 16.94 38.19
CA TRP C 156 -4.78 17.03 37.17
C TRP C 156 -6.15 16.92 37.83
N ASP C 157 -7.03 17.87 37.51
CA ASP C 157 -8.38 17.92 38.06
C ASP C 157 -9.37 17.65 36.95
N LEU C 158 -10.24 16.67 37.15
CA LEU C 158 -11.21 16.29 36.13
C LEU C 158 -12.41 17.22 36.18
N GLY C 159 -12.78 17.77 35.04
CA GLY C 159 -13.88 18.71 34.96
C GLY C 159 -14.42 18.80 33.55
N LEU C 160 -14.89 19.99 33.19
CA LEU C 160 -15.47 20.18 31.86
C LEU C 160 -14.43 19.95 30.76
N GLN C 161 -13.21 20.44 30.95
CA GLN C 161 -12.14 20.21 29.99
C GLN C 161 -11.51 18.86 30.29
N SER C 162 -11.59 17.95 29.32
CA SER C 162 -11.33 16.54 29.58
C SER C 162 -9.86 16.17 29.51
N SER C 163 -8.99 17.04 29.02
CA SER C 163 -7.62 16.66 28.74
C SER C 163 -6.66 17.58 29.49
N CYS C 164 -5.51 17.01 29.88
CA CYS C 164 -4.45 17.74 30.56
C CYS C 164 -3.11 17.37 29.95
N THR C 165 -2.18 18.31 29.96
CA THR C 165 -0.90 18.16 29.28
C THR C 165 0.24 18.32 30.27
N MET C 166 1.26 17.48 30.14
CA MET C 166 2.48 17.55 30.94
C MET C 166 3.67 17.73 30.00
N VAL C 167 4.61 18.58 30.39
CA VAL C 167 5.80 18.87 29.61
C VAL C 167 6.99 18.25 30.31
N VAL C 168 7.80 17.50 29.56
CA VAL C 168 9.02 16.88 30.08
C VAL C 168 10.20 17.71 29.59
N PRO C 169 10.80 18.56 30.43
CA PRO C 169 11.83 19.47 29.93
C PRO C 169 13.13 18.73 29.61
N TRP C 170 13.99 19.42 28.88
CA TRP C 170 15.28 18.87 28.47
C TRP C 170 16.28 19.01 29.62
N ILE C 171 16.58 17.89 30.28
CA ILE C 171 17.60 17.83 31.32
C ILE C 171 18.53 16.68 30.98
N SER C 172 19.79 17.01 30.68
CA SER C 172 20.76 15.99 30.34
C SER C 172 22.16 16.57 30.51
N ASN C 173 23.14 15.67 30.56
CA ASN C 173 24.54 16.06 30.63
C ASN C 173 25.17 16.15 29.24
N VAL C 174 24.89 15.16 28.38
CA VAL C 174 25.38 15.21 27.01
C VAL C 174 24.46 16.11 26.19
N THR C 175 25.01 16.66 25.11
CA THR C 175 24.23 17.53 24.22
C THR C 175 23.26 16.75 23.35
N TYR C 176 23.54 15.48 23.07
CA TYR C 176 22.63 14.63 22.32
C TYR C 176 22.59 13.25 22.97
N ARG C 177 21.40 12.67 23.06
CA ARG C 177 21.23 11.32 23.56
C ARG C 177 21.22 10.33 22.39
N GLN C 178 21.41 9.06 22.72
CA GLN C 178 21.33 8.02 21.70
C GLN C 178 19.94 7.42 21.66
N THR C 179 19.59 6.85 20.51
CA THR C 179 18.30 6.23 20.29
C THR C 179 18.29 4.74 20.56
N THR C 180 19.39 4.17 21.06
CA THR C 180 19.47 2.75 21.35
C THR C 180 19.50 2.51 22.85
N GLN C 181 19.45 1.24 23.21
CA GLN C 181 19.55 0.84 24.62
C GLN C 181 20.94 1.14 25.14
N ASP C 182 21.04 2.06 26.09
CA ASP C 182 22.34 2.45 26.64
C ASP C 182 22.12 3.16 27.97
N SER C 183 22.90 2.80 28.98
CA SER C 183 22.73 3.36 30.31
C SER C 183 23.49 4.67 30.50
N PHE C 184 24.44 4.98 29.61
CA PHE C 184 25.20 6.22 29.76
C PHE C 184 24.33 7.43 29.42
N THR C 185 23.32 7.25 28.58
CA THR C 185 22.44 8.33 28.15
C THR C 185 20.97 8.03 28.45
N GLU C 186 20.68 7.42 29.59
CA GLU C 186 19.30 7.15 29.96
C GLU C 186 18.56 8.46 30.26
N GLY C 187 17.24 8.43 30.14
CA GLY C 187 16.44 9.63 30.19
C GLY C 187 15.69 9.89 31.47
N GLY C 188 15.25 8.83 32.16
CA GLY C 188 14.49 8.99 33.38
C GLY C 188 13.29 8.07 33.43
N TYR C 189 12.35 8.43 34.31
CA TYR C 189 11.19 7.60 34.60
C TYR C 189 9.93 8.46 34.65
N ILE C 190 8.79 7.84 34.33
CA ILE C 190 7.49 8.51 34.34
C ILE C 190 6.49 7.61 35.05
N SER C 191 5.64 8.20 35.89
CA SER C 191 4.70 7.43 36.68
C SER C 191 3.47 8.27 36.96
N MET C 192 2.38 7.59 37.37
CA MET C 192 1.12 8.24 37.66
C MET C 192 0.49 7.60 38.88
N PHE C 193 -0.19 8.41 39.70
CA PHE C 193 -0.79 7.95 40.94
C PHE C 193 -2.14 8.64 41.15
N TYR C 194 -3.00 8.00 41.93
CA TYR C 194 -4.22 8.65 42.36
C TYR C 194 -3.93 9.71 43.42
N GLN C 195 -4.64 10.83 43.31
CA GLN C 195 -4.75 11.81 44.38
C GLN C 195 -6.24 11.98 44.66
N THR C 196 -6.66 11.67 45.88
CA THR C 196 -8.07 11.43 46.18
C THR C 196 -8.47 10.17 45.41
N ARG C 197 -9.65 10.12 44.81
CA ARG C 197 -10.06 8.95 44.04
C ARG C 197 -11.21 9.31 43.12
N ILE C 198 -11.61 8.35 42.29
CA ILE C 198 -12.77 8.54 41.43
C ILE C 198 -14.04 8.36 42.25
N VAL C 199 -14.99 9.26 42.07
CA VAL C 199 -16.26 9.24 42.79
C VAL C 199 -17.40 9.29 41.80
N VAL C 200 -18.37 8.41 41.97
CA VAL C 200 -19.55 8.37 41.09
C VAL C 200 -20.79 8.18 41.93
N PRO C 201 -21.93 8.67 41.43
CA PRO C 201 -23.21 8.46 42.11
C PRO C 201 -23.79 7.09 41.77
N LEU C 202 -25.00 6.86 42.24
CA LEU C 202 -25.67 5.59 41.99
C LEU C 202 -26.11 5.49 40.52
N SER C 203 -26.28 4.26 40.06
CA SER C 203 -26.76 3.97 38.71
C SER C 203 -25.87 4.64 37.66
N THR C 204 -24.56 4.51 37.86
CA THR C 204 -23.55 5.03 36.95
C THR C 204 -22.47 3.97 36.80
N PRO C 205 -21.85 3.85 35.63
CA PRO C 205 -20.75 2.88 35.49
C PRO C 205 -19.63 3.19 36.48
N LYS C 206 -19.08 2.13 37.07
CA LYS C 206 -18.07 2.27 38.11
C LYS C 206 -16.65 2.10 37.61
N SER C 207 -16.45 1.79 36.34
CA SER C 207 -15.12 1.66 35.76
C SER C 207 -15.10 2.35 34.40
N MET C 208 -13.93 2.84 34.01
CA MET C 208 -13.80 3.65 32.81
C MET C 208 -12.37 3.58 32.31
N SER C 209 -12.18 4.04 31.08
CA SER C 209 -10.89 3.97 30.39
C SER C 209 -10.25 5.34 30.27
N MET C 210 -8.97 5.33 29.95
CA MET C 210 -8.19 6.54 29.73
C MET C 210 -7.23 6.32 28.58
N LEU C 211 -6.89 7.41 27.89
CA LEU C 211 -6.04 7.35 26.70
C LEU C 211 -4.88 8.34 26.87
N GLY C 212 -3.80 8.07 26.17
CA GLY C 212 -2.60 8.90 26.26
C GLY C 212 -2.03 9.23 24.90
N PHE C 213 -1.39 10.39 24.80
CA PHE C 213 -0.80 10.88 23.57
C PHE C 213 0.58 11.43 23.86
N VAL C 214 1.42 11.46 22.82
CA VAL C 214 2.79 11.96 22.94
C VAL C 214 3.18 12.72 21.68
N SER C 215 3.96 13.77 21.84
CA SER C 215 4.46 14.57 20.72
C SER C 215 5.67 15.36 21.17
N ALA C 216 6.34 15.97 20.21
CA ALA C 216 7.57 16.71 20.50
C ALA C 216 7.29 18.21 20.53
N CYS C 217 8.14 18.93 21.27
CA CYS C 217 8.05 20.37 21.35
C CYS C 217 8.72 21.01 20.14
N ASN C 218 8.72 22.34 20.12
CA ASN C 218 9.27 23.07 18.98
C ASN C 218 10.79 23.23 19.04
N ASP C 219 11.45 22.65 20.03
CA ASP C 219 12.91 22.66 20.11
C ASP C 219 13.51 21.26 19.94
N PHE C 220 12.80 20.35 19.28
CA PHE C 220 13.26 18.98 19.11
C PHE C 220 13.99 18.84 17.78
N SER C 221 15.03 18.01 17.76
CA SER C 221 15.81 17.81 16.53
C SER C 221 16.53 16.48 16.59
N VAL C 222 16.93 16.01 15.41
CA VAL C 222 17.68 14.76 15.23
C VAL C 222 18.66 14.98 14.08
N ARG C 223 19.85 14.41 14.21
CA ARG C 223 20.91 14.76 13.26
C ARG C 223 21.43 13.59 12.42
N LEU C 224 21.93 12.52 13.03
CA LEU C 224 22.65 11.52 12.24
C LEU C 224 21.70 10.47 11.70
N LEU C 225 21.72 10.27 10.38
CA LEU C 225 20.78 9.38 9.72
C LEU C 225 21.33 7.96 9.67
N ARG C 226 20.43 6.98 9.82
CA ARG C 226 20.78 5.57 9.79
C ARG C 226 19.60 4.78 9.25
N ASP C 227 19.73 3.46 9.31
CA ASP C 227 18.68 2.57 8.84
C ASP C 227 17.83 2.10 10.01
N THR C 228 16.71 1.44 9.68
CA THR C 228 15.71 1.08 10.68
C THR C 228 15.58 -0.44 10.78
N THR C 229 15.19 -0.90 11.97
CA THR C 229 15.01 -2.32 12.25
C THR C 229 13.55 -2.75 12.22
N HIS C 230 12.63 -1.86 11.90
CA HIS C 230 11.20 -2.17 11.95
C HIS C 230 10.68 -2.84 10.68
N ILE C 231 11.50 -3.01 9.66
CA ILE C 231 11.09 -3.63 8.42
C ILE C 231 12.15 -4.64 8.00
N SER C 232 11.71 -5.82 7.56
CA SER C 232 12.62 -6.89 7.18
C SER C 232 12.07 -7.60 5.97
N GLN C 233 12.97 -8.23 5.20
CA GLN C 233 12.60 -8.98 4.00
C GLN C 233 13.18 -10.39 4.11
N SER C 234 12.34 -11.39 3.89
CA SER C 234 12.79 -12.77 3.93
C SER C 234 13.43 -13.18 2.61
N ALA C 235 14.21 -14.24 2.66
CA ALA C 235 14.88 -14.75 1.47
C ALA C 235 13.87 -15.27 0.46
N GLY D 1 30.19 31.55 -15.94
CA GLY D 1 29.24 32.08 -14.92
C GLY D 1 29.12 31.18 -13.70
N ALA D 2 30.10 31.28 -12.81
CA ALA D 2 30.13 30.44 -11.63
C ALA D 2 29.27 31.05 -10.51
N GLN D 3 28.97 30.23 -9.52
CA GLN D 3 28.19 30.63 -8.36
C GLN D 3 28.95 30.30 -7.08
N VAL D 4 29.01 31.27 -6.17
CA VAL D 4 29.74 31.11 -4.92
C VAL D 4 28.76 31.22 -3.76
N SER D 5 29.07 30.53 -2.67
CA SER D 5 28.22 30.49 -1.50
C SER D 5 29.08 30.26 -0.27
N SER D 6 28.50 30.52 0.90
CA SER D 6 29.22 30.39 2.15
C SER D 6 28.96 29.06 2.82
N GLN D 7 30.03 28.43 3.30
CA GLN D 7 29.92 27.18 4.05
C GLN D 7 29.55 27.47 5.49
N LYS D 8 28.88 26.49 6.11
CA LYS D 8 28.59 26.54 7.55
C LYS D 8 29.70 25.77 8.26
N VAL D 9 30.70 26.50 8.76
CA VAL D 9 31.89 25.86 9.29
C VAL D 9 31.56 25.12 10.57
N GLY D 10 32.21 23.98 10.78
CA GLY D 10 32.09 23.21 12.00
C GLY D 10 33.31 23.40 12.89
N ALA D 11 34.24 22.47 12.83
CA ALA D 11 35.50 22.62 13.54
C ALA D 11 36.37 23.68 12.86
N HIS D 12 37.17 24.36 13.68
CA HIS D 12 38.02 25.46 13.21
C HIS D 12 39.48 25.11 13.44
N GLU D 13 40.35 25.72 12.63
CA GLU D 13 41.79 25.51 12.75
C GLU D 13 42.35 26.45 13.82
N ASN D 14 43.67 26.50 13.92
CA ASN D 14 44.36 27.36 14.87
C ASN D 14 43.93 27.05 16.30
N THR D 23 34.77 33.96 6.83
CA THR D 23 33.86 33.18 6.00
C THR D 23 34.64 32.36 4.99
N ILE D 24 34.15 31.15 4.69
CA ILE D 24 34.78 30.25 3.74
C ILE D 24 33.77 29.94 2.64
N ASN D 25 34.19 30.09 1.40
CA ASN D 25 33.31 29.98 0.25
C ASN D 25 33.65 28.73 -0.57
N TYR D 26 32.69 28.34 -1.41
CA TYR D 26 32.88 27.24 -2.35
C TYR D 26 32.19 27.59 -3.66
N THR D 27 32.68 27.00 -4.75
CA THR D 27 32.27 27.37 -6.09
C THR D 27 31.55 26.20 -6.77
N THR D 28 30.60 26.53 -7.63
CA THR D 28 29.81 25.54 -8.35
C THR D 28 29.52 26.05 -9.77
N ILE D 29 29.50 25.13 -10.73
CA ILE D 29 29.20 25.44 -12.11
C ILE D 29 28.39 24.29 -12.69
N ASN D 30 27.48 24.62 -13.61
CA ASN D 30 26.66 23.62 -14.29
C ASN D 30 27.20 23.39 -15.70
N TYR D 31 27.35 22.12 -16.07
CA TYR D 31 27.98 21.76 -17.34
C TYR D 31 27.00 21.20 -18.35
N TYR D 32 25.74 20.99 -17.98
CA TYR D 32 24.76 20.36 -18.86
C TYR D 32 23.55 21.28 -19.04
N LYS D 33 22.95 21.21 -20.23
CA LYS D 33 21.83 22.09 -20.53
C LYS D 33 20.58 21.70 -19.74
N ASP D 34 20.27 20.42 -19.67
CA ASP D 34 19.02 19.97 -19.08
C ASP D 34 19.09 20.04 -17.57
N SER D 35 18.01 20.51 -16.94
CA SER D 35 18.02 20.76 -15.51
C SER D 35 18.18 19.48 -14.71
N ALA D 36 17.72 18.35 -15.24
CA ALA D 36 17.78 17.10 -14.48
C ALA D 36 19.21 16.69 -14.16
N SER D 37 20.20 17.24 -14.86
CA SER D 37 21.59 16.87 -14.61
C SER D 37 22.21 17.65 -13.45
N ASN D 38 21.55 18.69 -12.96
CA ASN D 38 22.12 19.50 -11.90
C ASN D 38 22.22 18.69 -10.61
N ALA D 39 23.15 19.11 -9.75
CA ALA D 39 23.25 18.51 -8.43
C ALA D 39 22.18 19.10 -7.50
N ALA D 40 22.28 18.75 -6.22
CA ALA D 40 21.35 19.25 -5.22
C ALA D 40 22.01 20.35 -4.41
N SER D 41 21.36 21.52 -4.37
CA SER D 41 21.91 22.65 -3.64
C SER D 41 21.76 22.49 -2.13
N LYS D 42 20.65 21.90 -1.67
CA LYS D 42 20.39 21.66 -0.26
C LYS D 42 20.35 22.95 0.55
N GLN D 43 19.94 24.06 -0.06
CA GLN D 43 19.70 25.31 0.66
C GLN D 43 18.22 25.42 1.03
N ASP D 44 17.76 24.45 1.80
CA ASP D 44 16.35 24.30 2.08
C ASP D 44 15.90 25.28 3.17
N TYR D 45 14.59 25.39 3.32
CA TYR D 45 13.98 26.27 4.30
C TYR D 45 12.76 25.58 4.90
N SER D 46 12.37 26.04 6.09
CA SER D 46 11.32 25.40 6.86
C SER D 46 9.98 26.12 6.67
N GLN D 47 8.95 25.60 7.33
CA GLN D 47 7.63 26.20 7.31
C GLN D 47 6.96 25.98 8.66
N ASP D 48 5.73 26.46 8.75
CA ASP D 48 4.97 26.36 9.99
C ASP D 48 4.12 25.08 9.98
N PRO D 49 4.20 24.23 11.01
CA PRO D 49 3.35 23.04 11.05
C PRO D 49 1.91 23.32 11.44
N SER D 50 1.48 24.58 11.43
CA SER D 50 0.13 24.92 11.86
C SER D 50 -0.92 24.17 11.06
N LYS D 51 -0.71 24.01 9.75
CA LYS D 51 -1.70 23.34 8.91
C LYS D 51 -1.99 21.92 9.38
N PHE D 52 -1.06 21.30 10.11
CA PHE D 52 -1.27 19.96 10.64
C PHE D 52 -1.63 19.96 12.13
N THR D 53 -1.12 20.91 12.90
CA THR D 53 -1.32 20.89 14.34
C THR D 53 -2.59 21.63 14.78
N GLU D 54 -2.94 22.74 14.13
CA GLU D 54 -4.13 23.51 14.47
C GLU D 54 -4.92 23.83 13.21
N PRO D 55 -5.60 22.83 12.64
CA PRO D 55 -6.40 23.08 11.44
C PRO D 55 -7.78 23.64 11.75
N LEU D 56 -7.99 24.12 12.97
CA LEU D 56 -9.28 24.61 13.40
C LEU D 56 -9.70 25.83 12.60
N LYS D 57 -11.02 25.98 12.43
CA LYS D 57 -11.55 27.14 11.73
C LYS D 57 -11.32 28.42 12.53
N ASP D 58 -11.62 28.38 13.83
CA ASP D 58 -11.36 29.49 14.74
C ASP D 58 -10.25 29.07 15.69
N VAL D 59 -9.14 29.80 15.64
CA VAL D 59 -7.95 29.47 16.43
C VAL D 59 -7.98 30.27 17.72
N LEU D 60 -7.76 29.59 18.85
CA LEU D 60 -7.77 30.21 20.16
C LEU D 60 -6.35 30.22 20.74
N ILE D 61 -6.03 31.27 21.47
CA ILE D 61 -4.73 31.36 22.12
C ILE D 61 -4.62 30.25 23.16
N LYS D 62 -3.39 29.76 23.36
CA LYS D 62 -3.18 28.59 24.21
C LYS D 62 -3.59 28.83 25.66
N THR D 63 -3.51 30.06 26.13
CA THR D 63 -3.88 30.36 27.52
C THR D 63 -5.39 30.44 27.73
N ALA D 64 -6.17 30.61 26.68
CA ALA D 64 -7.62 30.67 26.82
C ALA D 64 -8.21 29.26 26.88
N PRO D 65 -9.37 29.10 27.49
CA PRO D 65 -9.99 27.77 27.54
C PRO D 65 -10.33 27.26 26.14
N ALA D 66 -10.19 25.95 25.96
CA ALA D 66 -10.39 25.34 24.65
C ALA D 66 -11.85 25.27 24.25
N LEU D 67 -12.77 25.35 25.20
CA LEU D 67 -14.20 25.27 24.89
C LEU D 67 -14.94 26.49 25.44
N GLU E 1 9.88 -24.00 -32.66
CA GLU E 1 10.21 -22.72 -31.99
C GLU E 1 10.05 -22.84 -30.49
N VAL E 2 8.80 -22.98 -30.04
CA VAL E 2 8.53 -23.12 -28.61
C VAL E 2 8.64 -24.58 -28.22
N GLN E 3 9.34 -24.86 -27.12
CA GLN E 3 9.57 -26.22 -26.67
C GLN E 3 9.33 -26.30 -25.17
N LEU E 4 8.68 -27.39 -24.75
CA LEU E 4 8.49 -27.71 -23.35
C LEU E 4 8.98 -29.12 -23.09
N VAL E 5 9.79 -29.28 -22.05
CA VAL E 5 10.41 -30.56 -21.72
C VAL E 5 10.10 -30.86 -20.26
N GLU E 6 9.49 -32.02 -20.01
CA GLU E 6 9.19 -32.45 -18.66
C GLU E 6 10.17 -33.55 -18.23
N SER E 7 10.29 -33.72 -16.91
CA SER E 7 11.19 -34.73 -16.36
C SER E 7 10.80 -34.98 -14.91
N GLY E 8 11.38 -36.02 -14.33
CA GLY E 8 11.15 -36.37 -12.95
C GLY E 8 10.18 -37.52 -12.72
N GLY E 9 9.58 -38.06 -13.77
CA GLY E 9 8.67 -39.18 -13.60
C GLY E 9 9.39 -40.44 -13.17
N GLY E 10 8.64 -41.33 -12.53
CA GLY E 10 9.21 -42.57 -12.04
C GLY E 10 8.17 -43.43 -11.36
N LEU E 11 8.66 -44.42 -10.62
CA LEU E 11 7.82 -45.35 -9.88
C LEU E 11 8.02 -45.14 -8.40
N VAL E 12 6.91 -44.96 -7.66
CA VAL E 12 6.95 -44.72 -6.23
C VAL E 12 5.86 -45.52 -5.55
N GLN E 13 6.01 -45.72 -4.25
CA GLN E 13 5.03 -46.46 -3.46
C GLN E 13 3.91 -45.53 -2.99
N PRO E 14 2.74 -46.08 -2.71
CA PRO E 14 1.64 -45.23 -2.21
C PRO E 14 2.01 -44.55 -0.90
N GLY E 15 1.49 -43.33 -0.72
CA GLY E 15 1.70 -42.59 0.50
C GLY E 15 2.98 -41.80 0.56
N ARG E 16 3.80 -41.80 -0.48
CA ARG E 16 5.07 -41.09 -0.49
C ARG E 16 4.99 -39.89 -1.43
N SER E 17 6.09 -39.15 -1.52
CA SER E 17 6.13 -37.88 -2.21
C SER E 17 7.01 -37.95 -3.45
N LEU E 18 6.72 -37.08 -4.41
CA LEU E 18 7.49 -36.98 -5.65
C LEU E 18 7.33 -35.58 -6.21
N ARG E 19 8.29 -35.16 -7.02
CA ARG E 19 8.28 -33.84 -7.64
C ARG E 19 8.56 -33.97 -9.13
N LEU E 20 7.88 -33.15 -9.92
CA LEU E 20 8.08 -33.09 -11.36
C LEU E 20 8.63 -31.72 -11.75
N SER E 21 9.22 -31.65 -12.94
CA SER E 21 9.82 -30.43 -13.44
C SER E 21 9.46 -30.23 -14.91
N CYS E 22 9.48 -28.98 -15.34
CA CYS E 22 9.20 -28.62 -16.72
C CYS E 22 10.03 -27.39 -17.09
N GLU E 23 10.75 -27.47 -18.20
CA GLU E 23 11.58 -26.38 -18.69
C GLU E 23 11.00 -25.85 -19.99
N ALA E 24 11.08 -24.53 -20.17
CA ALA E 24 10.50 -23.87 -21.32
C ALA E 24 11.54 -22.98 -21.99
N SER E 25 11.46 -22.87 -23.31
CA SER E 25 12.38 -22.05 -24.07
C SER E 25 11.69 -21.60 -25.35
N GLY E 26 12.25 -20.54 -25.96
CA GLY E 26 11.71 -20.00 -27.18
C GLY E 26 10.67 -18.91 -26.99
N PHE E 27 10.31 -18.57 -25.76
CA PHE E 27 9.35 -17.52 -25.50
C PHE E 27 9.61 -16.94 -24.12
N ASN E 28 8.98 -15.80 -23.84
CA ASN E 28 9.17 -15.09 -22.58
C ASN E 28 8.38 -15.81 -21.49
N PHE E 29 8.99 -16.87 -20.95
CA PHE E 29 8.32 -17.66 -19.92
C PHE E 29 7.95 -16.82 -18.71
N ASP E 30 8.67 -15.72 -18.48
CA ASP E 30 8.46 -14.89 -17.32
C ASP E 30 7.10 -14.19 -17.36
N ASP E 31 6.43 -14.25 -18.51
CA ASP E 31 5.26 -13.41 -18.74
C ASP E 31 4.11 -14.21 -19.34
N TYR E 32 3.86 -15.41 -18.86
CA TYR E 32 2.78 -16.26 -19.34
C TYR E 32 2.27 -17.14 -18.22
N ALA E 33 1.06 -17.68 -18.40
CA ALA E 33 0.48 -18.64 -17.48
C ALA E 33 0.82 -20.05 -17.92
N MET E 34 0.76 -20.99 -16.98
CA MET E 34 1.15 -22.37 -17.22
C MET E 34 0.14 -23.31 -16.58
N HIS E 35 0.10 -24.55 -17.08
CA HIS E 35 -0.88 -25.53 -16.66
C HIS E 35 -0.24 -26.91 -16.54
N TRP E 36 -0.86 -27.77 -15.72
CA TRP E 36 -0.54 -29.18 -15.65
C TRP E 36 -1.78 -29.99 -15.99
N VAL E 37 -1.63 -30.95 -16.90
CA VAL E 37 -2.72 -31.81 -17.35
C VAL E 37 -2.22 -33.24 -17.35
N ARG E 38 -3.07 -34.16 -16.88
CA ARG E 38 -2.72 -35.57 -16.80
C ARG E 38 -3.75 -36.41 -17.55
N GLN E 39 -3.28 -37.52 -18.12
CA GLN E 39 -4.11 -38.45 -18.88
C GLN E 39 -3.86 -39.86 -18.36
N ALA E 40 -4.88 -40.45 -17.74
CA ALA E 40 -4.75 -41.84 -17.29
C ALA E 40 -4.74 -42.77 -18.50
N PRO E 41 -4.15 -43.96 -18.37
CA PRO E 41 -4.07 -44.88 -19.51
C PRO E 41 -5.44 -45.16 -20.12
N GLY E 42 -5.63 -44.74 -21.37
CA GLY E 42 -6.85 -45.01 -22.08
C GLY E 42 -8.04 -44.17 -21.66
N LYS E 43 -7.82 -43.10 -20.89
CA LYS E 43 -8.89 -42.24 -20.41
C LYS E 43 -8.77 -40.86 -21.04
N GLY E 44 -9.67 -39.98 -20.64
CA GLY E 44 -9.67 -38.62 -21.15
C GLY E 44 -8.73 -37.71 -20.38
N LEU E 45 -8.62 -36.48 -20.89
CA LEU E 45 -7.75 -35.49 -20.26
C LEU E 45 -8.42 -34.90 -19.02
N GLU E 46 -7.62 -34.69 -17.98
CA GLU E 46 -8.09 -34.09 -16.73
C GLU E 46 -7.18 -32.93 -16.37
N TRP E 47 -7.79 -31.79 -16.04
CA TRP E 47 -7.03 -30.61 -15.65
C TRP E 47 -6.64 -30.72 -14.18
N VAL E 48 -5.35 -30.52 -13.89
CA VAL E 48 -4.82 -30.75 -12.56
C VAL E 48 -4.64 -29.44 -11.81
N SER E 49 -3.80 -28.56 -12.34
CA SER E 49 -3.48 -27.32 -11.65
C SER E 49 -3.01 -26.28 -12.66
N GLY E 50 -3.04 -25.02 -12.24
CA GLY E 50 -2.58 -23.93 -13.07
C GLY E 50 -2.10 -22.76 -12.23
N ILE E 51 -1.20 -21.97 -12.82
CA ILE E 51 -0.62 -20.81 -12.15
C ILE E 51 -0.58 -19.67 -13.16
N SER E 52 -0.88 -18.46 -12.68
CA SER E 52 -0.90 -17.29 -13.54
C SER E 52 0.48 -16.64 -13.58
N TRP E 53 0.55 -15.46 -14.22
CA TRP E 53 1.81 -14.75 -14.32
C TRP E 53 2.27 -14.20 -12.97
N SER E 54 1.41 -14.22 -11.97
CA SER E 54 1.76 -13.88 -10.60
C SER E 54 1.59 -15.11 -9.72
N SER E 55 2.59 -15.39 -8.87
CA SER E 55 2.55 -16.57 -8.04
C SER E 55 1.39 -16.56 -7.05
N SER E 56 0.76 -15.41 -6.82
CA SER E 56 -0.37 -15.34 -5.90
C SER E 56 -1.55 -16.16 -6.40
N SER E 57 -1.91 -15.98 -7.67
CA SER E 57 -3.02 -16.72 -8.27
C SER E 57 -2.55 -18.14 -8.56
N ARG E 58 -3.24 -19.12 -7.98
CA ARG E 58 -2.80 -20.50 -8.06
C ARG E 58 -3.96 -21.40 -7.67
N ASP E 59 -4.37 -22.28 -8.58
CA ASP E 59 -5.61 -23.03 -8.44
C ASP E 59 -5.33 -24.53 -8.56
N TYR E 60 -6.25 -25.33 -8.01
CA TYR E 60 -6.12 -26.78 -8.03
C TYR E 60 -7.49 -27.40 -8.28
N ALA E 61 -7.49 -28.62 -8.79
CA ALA E 61 -8.72 -29.37 -8.94
C ALA E 61 -9.09 -30.05 -7.63
N ASP E 62 -10.38 -30.36 -7.48
CA ASP E 62 -10.86 -30.95 -6.24
C ASP E 62 -10.21 -32.29 -5.95
N SER E 63 -9.86 -33.06 -6.98
CA SER E 63 -9.31 -34.38 -6.77
C SER E 63 -7.90 -34.35 -6.19
N VAL E 64 -7.22 -33.21 -6.25
CA VAL E 64 -5.85 -33.11 -5.78
C VAL E 64 -5.69 -31.94 -4.82
N LYS E 65 -6.78 -31.24 -4.54
CA LYS E 65 -6.72 -30.10 -3.63
C LYS E 65 -6.27 -30.54 -2.25
N GLY E 66 -5.31 -29.83 -1.69
CA GLY E 66 -4.77 -30.15 -0.39
C GLY E 66 -3.61 -31.13 -0.39
N ARG E 67 -3.34 -31.78 -1.51
CA ARG E 67 -2.25 -32.75 -1.62
C ARG E 67 -1.12 -32.23 -2.51
N PHE E 68 -1.46 -31.67 -3.66
CA PHE E 68 -0.48 -31.19 -4.63
C PHE E 68 -0.19 -29.71 -4.40
N THR E 69 0.93 -29.27 -4.99
CA THR E 69 1.33 -27.87 -4.92
C THR E 69 2.09 -27.53 -6.20
N ILE E 70 1.89 -26.31 -6.69
CA ILE E 70 2.49 -25.84 -7.94
C ILE E 70 3.24 -24.54 -7.66
N SER E 71 4.40 -24.40 -8.29
CA SER E 71 5.23 -23.21 -8.13
C SER E 71 6.04 -23.00 -9.40
N ARG E 72 6.58 -21.81 -9.55
CA ARG E 72 7.35 -21.45 -10.72
C ARG E 72 8.59 -20.68 -10.30
N ASP E 73 9.64 -20.76 -11.12
CA ASP E 73 10.90 -20.06 -10.88
C ASP E 73 11.30 -19.38 -12.17
N ASN E 74 10.98 -18.09 -12.29
CA ASN E 74 11.22 -17.35 -13.53
C ASN E 74 12.71 -17.19 -13.83
N ALA E 75 13.58 -17.35 -12.84
CA ALA E 75 15.01 -17.18 -13.08
C ALA E 75 15.60 -18.33 -13.86
N LYS E 76 14.94 -19.50 -13.88
CA LYS E 76 15.44 -20.68 -14.56
C LYS E 76 14.46 -21.20 -15.60
N ASN E 77 13.37 -20.48 -15.84
CA ASN E 77 12.36 -20.94 -16.80
C ASN E 77 11.89 -22.33 -16.45
N SER E 78 11.61 -22.58 -15.17
CA SER E 78 11.23 -23.90 -14.68
C SER E 78 9.87 -23.84 -14.00
N LEU E 79 9.08 -24.89 -14.19
CA LEU E 79 7.78 -25.05 -13.56
C LEU E 79 7.77 -26.38 -12.82
N TYR E 80 7.35 -26.36 -11.56
CA TYR E 80 7.42 -27.52 -10.69
C TYR E 80 6.04 -27.93 -10.20
N LEU E 81 5.92 -29.21 -9.86
CA LEU E 81 4.71 -29.76 -9.25
C LEU E 81 5.14 -30.69 -8.12
N HIS E 82 4.71 -30.38 -6.90
CA HIS E 82 5.03 -31.17 -5.72
C HIS E 82 3.82 -32.01 -5.34
N MET E 83 4.03 -33.31 -5.20
CA MET E 83 2.96 -34.25 -4.89
C MET E 83 3.26 -34.94 -3.57
N ASN E 84 2.26 -35.01 -2.70
CA ASN E 84 2.38 -35.67 -1.41
C ASN E 84 1.17 -36.56 -1.18
N SER E 85 1.37 -37.62 -0.39
CA SER E 85 0.32 -38.58 -0.09
C SER E 85 -0.28 -39.15 -1.37
N LEU E 86 0.61 -39.68 -2.21
CA LEU E 86 0.18 -40.20 -3.50
C LEU E 86 -0.72 -41.41 -3.33
N ARG E 87 -1.59 -41.61 -4.32
CA ARG E 87 -2.52 -42.73 -4.35
C ARG E 87 -2.38 -43.47 -5.68
N GLU E 88 -2.81 -44.72 -5.70
CA GLU E 88 -2.71 -45.51 -6.92
C GLU E 88 -3.54 -44.91 -8.05
N GLU E 89 -4.54 -44.10 -7.72
CA GLU E 89 -5.35 -43.47 -8.75
C GLU E 89 -4.61 -42.36 -9.49
N ASP E 90 -3.47 -41.92 -8.97
CA ASP E 90 -2.71 -40.84 -9.58
C ASP E 90 -1.83 -41.31 -10.73
N THR E 91 -1.75 -42.60 -11.00
CA THR E 91 -0.95 -43.08 -12.12
C THR E 91 -1.52 -42.57 -13.42
N ALA E 92 -0.71 -41.87 -14.19
CA ALA E 92 -1.16 -41.28 -15.45
C ALA E 92 0.02 -40.60 -16.12
N LEU E 93 -0.20 -40.17 -17.36
CA LEU E 93 0.79 -39.41 -18.11
C LEU E 93 0.54 -37.93 -17.90
N TYR E 94 1.57 -37.20 -17.46
CA TYR E 94 1.46 -35.80 -17.10
C TYR E 94 2.08 -34.92 -18.19
N TYR E 95 1.32 -33.93 -18.65
CA TYR E 95 1.78 -32.99 -19.66
C TYR E 95 2.07 -31.63 -19.02
N CYS E 96 2.97 -30.89 -19.65
CA CYS E 96 3.24 -29.50 -19.30
C CYS E 96 2.80 -28.62 -20.45
N ALA E 97 1.86 -27.70 -20.18
CA ALA E 97 1.21 -26.95 -21.23
C ALA E 97 1.40 -25.46 -21.00
N LYS E 98 1.34 -24.70 -22.09
CA LYS E 98 1.49 -23.25 -22.06
C LYS E 98 0.17 -22.58 -22.42
N ASP E 99 -0.26 -21.66 -21.57
CA ASP E 99 -1.48 -20.91 -21.83
C ASP E 99 -1.20 -19.72 -22.74
N MET E 100 -2.23 -19.30 -23.47
CA MET E 100 -2.15 -18.09 -24.27
C MET E 100 -2.78 -16.89 -23.55
N SER E 101 -2.92 -16.97 -22.23
CA SER E 101 -3.54 -15.89 -21.46
C SER E 101 -2.65 -14.68 -21.39
N TYR E 102 -3.09 -13.66 -20.64
CA TYR E 102 -2.40 -12.38 -20.56
C TYR E 102 -2.59 -11.62 -21.86
N TYR E 103 -1.95 -10.46 -21.99
CA TYR E 103 -2.04 -9.67 -23.23
C TYR E 103 -3.47 -9.32 -23.57
N GLY E 104 -4.26 -8.94 -22.58
CA GLY E 104 -5.62 -8.52 -22.84
C GLY E 104 -5.65 -7.12 -23.42
N SER E 105 -6.86 -6.57 -23.46
CA SER E 105 -7.06 -5.24 -24.03
C SER E 105 -6.58 -4.17 -23.06
N GLY E 106 -5.31 -4.23 -22.67
CA GLY E 106 -4.73 -3.23 -21.81
C GLY E 106 -5.08 -3.41 -20.35
N GLY E 107 -5.91 -2.50 -19.82
CA GLY E 107 -6.14 -2.43 -18.40
C GLY E 107 -6.92 -3.59 -17.81
N VAL E 108 -6.40 -4.81 -17.97
CA VAL E 108 -6.97 -5.98 -17.34
C VAL E 108 -5.82 -6.88 -16.90
N LEU E 109 -6.08 -7.71 -15.89
CA LEU E 109 -5.03 -8.52 -15.28
C LEU E 109 -5.67 -9.73 -14.60
N HIS E 110 -4.84 -10.65 -14.13
CA HIS E 110 -5.27 -11.97 -13.62
C HIS E 110 -6.37 -12.55 -14.50
N TYR E 111 -6.12 -12.53 -15.80
CA TYR E 111 -7.10 -12.99 -16.77
C TYR E 111 -7.57 -14.41 -16.50
N TYR E 112 -8.73 -14.75 -17.05
CA TYR E 112 -9.14 -16.14 -17.07
C TYR E 112 -8.22 -16.93 -17.99
N TYR E 113 -8.09 -18.23 -17.72
CA TYR E 113 -7.26 -19.09 -18.54
C TYR E 113 -7.91 -19.26 -19.91
N TYR E 114 -7.35 -18.61 -20.92
CA TYR E 114 -7.90 -18.68 -22.27
C TYR E 114 -7.88 -20.09 -22.83
N GLY E 115 -6.77 -20.81 -22.64
CA GLY E 115 -6.62 -22.14 -23.19
C GLY E 115 -5.17 -22.44 -23.48
N MET E 116 -4.86 -23.68 -23.84
CA MET E 116 -3.49 -24.12 -24.07
C MET E 116 -3.27 -24.24 -25.58
N ASP E 117 -2.13 -23.72 -26.05
CA ASP E 117 -1.78 -23.79 -27.46
C ASP E 117 -0.52 -24.59 -27.73
N VAL E 118 0.29 -24.88 -26.70
CA VAL E 118 1.51 -25.66 -26.86
C VAL E 118 1.54 -26.73 -25.78
N TRP E 119 1.92 -27.94 -26.15
CA TRP E 119 1.98 -29.08 -25.25
C TRP E 119 3.35 -29.73 -25.30
N GLY E 120 3.82 -30.21 -24.15
CA GLY E 120 5.00 -31.03 -24.11
C GLY E 120 4.69 -32.49 -24.33
N GLN E 121 5.75 -33.29 -24.51
CA GLN E 121 5.57 -34.71 -24.73
C GLN E 121 5.13 -35.47 -23.48
N GLY E 122 5.37 -34.92 -22.29
CA GLY E 122 4.88 -35.50 -21.06
C GLY E 122 5.82 -36.52 -20.47
N THR E 123 5.58 -36.82 -19.19
CA THR E 123 6.35 -37.80 -18.44
C THR E 123 5.40 -38.70 -17.68
N THR E 124 5.81 -39.95 -17.47
CA THR E 124 4.96 -40.98 -16.89
C THR E 124 5.26 -41.14 -15.41
N VAL E 125 4.20 -41.18 -14.59
CA VAL E 125 4.31 -41.43 -13.16
C VAL E 125 3.45 -42.63 -12.82
N THR E 126 4.03 -43.60 -12.13
CA THR E 126 3.34 -44.83 -11.76
C THR E 126 3.37 -44.98 -10.24
N VAL E 127 2.20 -45.18 -9.65
CA VAL E 127 2.07 -45.42 -8.22
C VAL E 127 1.55 -46.84 -8.03
N SER E 128 2.37 -47.68 -7.39
CA SER E 128 2.00 -49.07 -7.18
C SER E 128 2.68 -49.57 -5.91
N SER E 129 1.99 -50.44 -5.18
CA SER E 129 2.53 -51.00 -3.95
C SER E 129 3.39 -52.22 -4.24
N SER F 1 -17.46 -31.04 -12.54
CA SER F 1 -17.78 -32.22 -13.41
C SER F 1 -17.47 -31.90 -14.86
N ALA F 2 -17.02 -32.91 -15.59
CA ALA F 2 -16.63 -32.71 -16.99
C ALA F 2 -17.85 -32.35 -17.84
N LEU F 3 -17.59 -31.59 -18.90
CA LEU F 3 -18.66 -31.22 -19.82
C LEU F 3 -19.16 -32.43 -20.58
N THR F 4 -20.43 -32.40 -20.96
CA THR F 4 -21.05 -33.54 -21.63
C THR F 4 -20.71 -33.54 -23.12
N GLN F 5 -20.33 -34.69 -23.63
CA GLN F 5 -20.06 -34.89 -25.05
C GLN F 5 -20.59 -36.25 -25.46
N PRO F 6 -20.94 -36.42 -26.74
CA PRO F 6 -21.36 -37.75 -27.21
C PRO F 6 -20.18 -38.71 -27.24
N ALA F 7 -20.48 -40.00 -27.04
CA ALA F 7 -19.42 -41.00 -26.97
C ALA F 7 -18.67 -41.10 -28.29
N SER F 8 -19.38 -41.14 -29.41
CA SER F 8 -18.74 -41.28 -30.71
C SER F 8 -19.70 -40.83 -31.80
N VAL F 9 -19.12 -40.49 -32.95
CA VAL F 9 -19.88 -40.05 -34.12
C VAL F 9 -19.26 -40.69 -35.35
N SER F 10 -20.09 -41.02 -36.33
CA SER F 10 -19.66 -41.69 -37.55
C SER F 10 -20.17 -40.93 -38.77
N GLY F 11 -19.39 -40.99 -39.85
CA GLY F 11 -19.78 -40.33 -41.08
C GLY F 11 -18.99 -40.86 -42.25
N SER F 12 -19.60 -40.73 -43.45
CA SER F 12 -18.95 -41.21 -44.66
C SER F 12 -18.06 -40.13 -45.26
N PRO F 13 -17.06 -40.51 -46.06
CA PRO F 13 -16.20 -39.50 -46.68
C PRO F 13 -17.00 -38.50 -47.51
N GLY F 14 -16.58 -37.24 -47.46
CA GLY F 14 -17.26 -36.18 -48.18
C GLY F 14 -18.45 -35.58 -47.47
N GLN F 15 -18.81 -36.09 -46.30
CA GLN F 15 -19.95 -35.57 -45.56
C GLN F 15 -19.50 -34.48 -44.59
N SER F 16 -20.46 -33.98 -43.81
CA SER F 16 -20.20 -33.01 -42.76
C SER F 16 -20.72 -33.55 -41.44
N ILE F 17 -19.93 -33.37 -40.37
CA ILE F 17 -20.25 -33.91 -39.06
C ILE F 17 -20.17 -32.79 -38.04
N THR F 18 -20.98 -32.89 -36.98
CA THR F 18 -21.04 -31.88 -35.93
C THR F 18 -20.94 -32.56 -34.58
N ILE F 19 -20.18 -31.96 -33.67
CA ILE F 19 -20.00 -32.45 -32.31
C ILE F 19 -20.40 -31.33 -31.35
N SER F 20 -21.13 -31.69 -30.29
CA SER F 20 -21.67 -30.71 -29.36
C SER F 20 -21.07 -30.91 -27.97
N CYS F 21 -20.79 -29.80 -27.29
CA CYS F 21 -20.28 -29.80 -25.93
C CYS F 21 -21.17 -28.88 -25.09
N THR F 22 -21.64 -29.39 -23.95
CA THR F 22 -22.65 -28.71 -23.16
C THR F 22 -22.15 -28.47 -21.75
N GLY F 23 -22.56 -27.34 -21.16
CA GLY F 23 -22.18 -26.99 -19.81
C GLY F 23 -23.27 -26.26 -19.05
N THR F 24 -22.90 -25.27 -18.25
CA THR F 24 -23.83 -24.48 -17.47
C THR F 24 -23.46 -23.01 -17.55
N SER F 25 -24.18 -22.18 -16.79
CA SER F 25 -23.95 -20.74 -16.79
C SER F 25 -22.60 -20.35 -16.21
N SER F 26 -22.02 -21.17 -15.33
CA SER F 26 -20.67 -20.95 -14.84
C SER F 26 -19.62 -21.53 -15.78
N ASP F 27 -19.97 -21.75 -17.04
CA ASP F 27 -19.18 -22.49 -18.01
C ASP F 27 -19.44 -21.91 -19.39
N VAL F 28 -19.27 -22.75 -20.43
CA VAL F 28 -19.47 -22.30 -21.81
C VAL F 28 -20.60 -21.30 -21.91
N GLY F 29 -21.71 -21.55 -21.20
CA GLY F 29 -22.84 -20.65 -21.26
C GLY F 29 -22.59 -19.28 -20.64
N GLY F 30 -21.46 -19.10 -19.96
CA GLY F 30 -21.19 -17.86 -19.26
C GLY F 30 -20.03 -17.06 -19.82
N TYR F 31 -19.13 -17.70 -20.54
CA TYR F 31 -17.95 -17.03 -21.09
C TYR F 31 -17.71 -17.50 -22.51
N ASP F 32 -16.88 -16.75 -23.23
CA ASP F 32 -16.57 -17.03 -24.62
C ASP F 32 -15.25 -17.76 -24.80
N TYR F 33 -14.61 -18.20 -23.72
CA TYR F 33 -13.35 -18.96 -23.81
C TYR F 33 -13.68 -20.43 -23.96
N VAL F 34 -13.82 -20.87 -25.21
CA VAL F 34 -14.07 -22.27 -25.54
C VAL F 34 -13.10 -22.67 -26.65
N SER F 35 -12.45 -23.82 -26.49
CA SER F 35 -11.46 -24.29 -27.46
C SER F 35 -11.63 -25.78 -27.67
N TRP F 36 -11.14 -26.25 -28.82
CA TRP F 36 -11.24 -27.65 -29.20
C TRP F 36 -9.85 -28.18 -29.51
N TYR F 37 -9.60 -29.43 -29.12
CA TYR F 37 -8.30 -30.08 -29.32
C TYR F 37 -8.49 -31.40 -30.04
N GLN F 38 -7.48 -31.77 -30.83
CA GLN F 38 -7.46 -33.03 -31.56
C GLN F 38 -6.26 -33.85 -31.12
N GLN F 39 -6.45 -35.15 -30.94
CA GLN F 39 -5.40 -36.04 -30.48
C GLN F 39 -5.41 -37.32 -31.29
N HIS F 40 -4.29 -37.62 -31.97
CA HIS F 40 -4.10 -38.94 -32.56
C HIS F 40 -3.47 -39.89 -31.54
N PRO F 41 -3.64 -41.19 -31.71
CA PRO F 41 -3.03 -42.13 -30.75
C PRO F 41 -1.54 -41.92 -30.64
N GLY F 42 -1.05 -41.88 -29.41
CA GLY F 42 0.37 -41.72 -29.16
C GLY F 42 0.92 -40.34 -29.44
N LYS F 43 0.07 -39.33 -29.59
CA LYS F 43 0.49 -37.98 -29.90
C LYS F 43 -0.10 -37.00 -28.88
N ALA F 44 0.60 -35.90 -28.67
CA ALA F 44 0.09 -34.86 -27.80
C ALA F 44 -1.08 -34.14 -28.45
N PRO F 45 -2.02 -33.61 -27.66
CA PRO F 45 -3.16 -32.91 -28.26
C PRO F 45 -2.72 -31.72 -29.08
N LYS F 46 -3.51 -31.44 -30.12
CA LYS F 46 -3.29 -30.30 -31.00
C LYS F 46 -4.52 -29.40 -30.97
N VAL F 47 -4.30 -28.09 -30.84
CA VAL F 47 -5.41 -27.15 -30.78
C VAL F 47 -5.94 -26.90 -32.18
N MET F 48 -7.26 -26.92 -32.32
CA MET F 48 -7.93 -26.71 -33.59
C MET F 48 -8.74 -25.42 -33.64
N ILE F 49 -9.49 -25.13 -32.57
CA ILE F 49 -10.31 -23.92 -32.51
C ILE F 49 -10.16 -23.31 -31.11
N TYR F 50 -10.10 -21.99 -31.06
CA TYR F 50 -10.07 -21.26 -29.79
C TYR F 50 -10.94 -20.02 -29.92
N ASP F 51 -11.40 -19.53 -28.77
CA ASP F 51 -12.33 -18.41 -28.73
C ASP F 51 -13.56 -18.69 -29.58
N VAL F 52 -14.05 -19.93 -29.45
CA VAL F 52 -15.32 -20.35 -30.06
C VAL F 52 -15.19 -20.55 -31.56
N SER F 53 -14.62 -19.58 -32.26
CA SER F 53 -14.65 -19.63 -33.73
C SER F 53 -13.36 -19.20 -34.41
N ASN F 54 -12.24 -19.05 -33.71
CA ASN F 54 -11.00 -18.65 -34.36
C ASN F 54 -10.14 -19.86 -34.65
N ARG F 55 -9.51 -19.86 -35.83
CA ARG F 55 -8.64 -20.96 -36.22
C ARG F 55 -7.18 -20.57 -36.05
N PRO F 56 -6.34 -21.42 -35.46
CA PRO F 56 -4.91 -21.14 -35.45
C PRO F 56 -4.33 -21.18 -36.85
N SER F 57 -3.22 -20.45 -37.03
CA SER F 57 -2.55 -20.45 -38.32
C SER F 57 -2.12 -21.86 -38.71
N GLY F 58 -2.33 -22.21 -39.97
CA GLY F 58 -1.98 -23.52 -40.47
C GLY F 58 -3.07 -24.56 -40.38
N VAL F 59 -4.20 -24.25 -39.74
CA VAL F 59 -5.31 -25.20 -39.65
C VAL F 59 -6.18 -25.06 -40.88
N SER F 60 -6.68 -26.20 -41.37
CA SER F 60 -7.51 -26.19 -42.57
C SER F 60 -8.82 -25.46 -42.32
N ASN F 61 -9.37 -24.87 -43.38
CA ASN F 61 -10.65 -24.16 -43.28
C ASN F 61 -11.82 -25.09 -43.07
N ARG F 62 -11.61 -26.41 -43.15
CA ARG F 62 -12.71 -27.36 -43.02
C ARG F 62 -13.27 -27.41 -41.61
N PHE F 63 -12.61 -26.79 -40.64
CA PHE F 63 -13.05 -26.80 -39.24
C PHE F 63 -13.67 -25.46 -38.89
N SER F 64 -14.78 -25.50 -38.16
CA SER F 64 -15.46 -24.29 -37.71
C SER F 64 -16.19 -24.58 -36.42
N GLY F 65 -16.50 -23.52 -35.68
CA GLY F 65 -17.18 -23.66 -34.40
C GLY F 65 -18.16 -22.54 -34.17
N SER F 66 -19.09 -22.79 -33.25
CA SER F 66 -20.12 -21.82 -32.89
C SER F 66 -20.65 -22.17 -31.52
N LYS F 67 -21.36 -21.22 -30.92
CA LYS F 67 -21.94 -21.41 -29.60
C LYS F 67 -23.34 -20.82 -29.56
N SER F 68 -24.19 -21.40 -28.72
CA SER F 68 -25.53 -20.89 -28.50
C SER F 68 -26.05 -21.45 -27.18
N GLY F 69 -26.64 -20.58 -26.37
CA GLY F 69 -27.11 -21.02 -25.06
C GLY F 69 -25.96 -21.57 -24.24
N ASN F 70 -26.17 -22.76 -23.69
CA ASN F 70 -25.16 -23.44 -22.88
C ASN F 70 -24.40 -24.51 -23.67
N THR F 71 -24.56 -24.54 -24.99
CA THR F 71 -23.97 -25.60 -25.82
C THR F 71 -23.09 -24.98 -26.88
N ALA F 72 -21.93 -25.60 -27.11
CA ALA F 72 -21.02 -25.22 -28.17
C ALA F 72 -20.85 -26.39 -29.13
N SER F 73 -20.63 -26.07 -30.41
CA SER F 73 -20.60 -27.07 -31.46
C SER F 73 -19.34 -26.94 -32.30
N LEU F 74 -18.78 -28.08 -32.70
CA LEU F 74 -17.67 -28.15 -33.63
C LEU F 74 -18.14 -28.87 -34.88
N THR F 75 -17.89 -28.29 -36.05
CA THR F 75 -18.36 -28.81 -37.32
C THR F 75 -17.17 -29.14 -38.21
N ILE F 76 -17.15 -30.35 -38.75
CA ILE F 76 -16.14 -30.79 -39.71
C ILE F 76 -16.81 -31.02 -41.05
N SER F 77 -16.28 -30.38 -42.09
CA SER F 77 -16.80 -30.51 -43.44
C SER F 77 -15.75 -31.14 -44.34
N GLY F 78 -16.21 -31.78 -45.41
CA GLY F 78 -15.30 -32.46 -46.31
C GLY F 78 -14.53 -33.55 -45.60
N LEU F 79 -15.25 -34.39 -44.86
CA LEU F 79 -14.62 -35.40 -44.02
C LEU F 79 -13.65 -36.26 -44.83
N GLN F 80 -12.47 -36.47 -44.26
CA GLN F 80 -11.43 -37.28 -44.89
C GLN F 80 -11.04 -38.42 -43.96
N ALA F 81 -10.23 -39.34 -44.47
CA ALA F 81 -9.80 -40.48 -43.67
C ALA F 81 -8.94 -40.05 -42.49
N GLU F 82 -8.04 -39.09 -42.72
CA GLU F 82 -7.10 -38.67 -41.68
C GLU F 82 -7.77 -37.95 -40.53
N ASP F 83 -9.03 -37.53 -40.67
CA ASP F 83 -9.72 -36.84 -39.60
C ASP F 83 -10.09 -37.76 -38.44
N GLU F 84 -9.92 -39.07 -38.60
CA GLU F 84 -10.27 -40.01 -37.54
C GLU F 84 -9.38 -39.78 -36.33
N ALA F 85 -9.95 -39.26 -35.26
CA ALA F 85 -9.20 -38.99 -34.03
C ALA F 85 -10.20 -38.61 -32.94
N GLU F 86 -9.67 -38.34 -31.76
CA GLU F 86 -10.49 -37.92 -30.63
C GLU F 86 -10.48 -36.39 -30.51
N TYR F 87 -11.59 -35.86 -30.00
CA TYR F 87 -11.77 -34.42 -29.86
C TYR F 87 -12.30 -34.11 -28.47
N TYR F 88 -11.80 -33.00 -27.90
CA TYR F 88 -12.17 -32.59 -26.55
C TYR F 88 -12.57 -31.13 -26.57
N CYS F 89 -13.49 -30.75 -25.69
CA CYS F 89 -13.86 -29.36 -25.48
C CYS F 89 -13.34 -28.87 -24.13
N THR F 90 -13.03 -27.58 -24.07
CA THR F 90 -12.49 -26.98 -22.85
C THR F 90 -13.14 -25.62 -22.66
N SER F 91 -13.25 -25.20 -21.40
CA SER F 91 -13.87 -23.93 -21.10
C SER F 91 -13.36 -23.40 -19.77
N TYR F 92 -13.47 -22.09 -19.59
CA TYR F 92 -13.15 -21.44 -18.33
C TYR F 92 -14.37 -21.47 -17.41
N THR F 93 -14.12 -21.67 -16.12
CA THR F 93 -15.18 -21.79 -15.13
C THR F 93 -15.07 -20.63 -14.14
N ARG F 94 -16.22 -20.14 -13.67
CA ARG F 94 -16.22 -18.97 -12.79
C ARG F 94 -15.50 -19.23 -11.48
N SER F 95 -15.27 -20.50 -11.12
CA SER F 95 -14.48 -20.82 -9.94
C SER F 95 -12.97 -20.78 -10.22
N SER F 96 -12.56 -20.15 -11.32
CA SER F 96 -11.15 -20.01 -11.65
C SER F 96 -10.49 -21.35 -11.93
N THR F 97 -11.10 -22.14 -12.80
CA THR F 97 -10.55 -23.45 -13.17
C THR F 97 -10.97 -23.79 -14.59
N LEU F 98 -10.13 -24.56 -15.28
CA LEU F 98 -10.49 -25.10 -16.58
C LEU F 98 -11.11 -26.49 -16.42
N VAL F 99 -12.01 -26.82 -17.34
CA VAL F 99 -12.71 -28.10 -17.33
C VAL F 99 -12.66 -28.69 -18.73
N PHE F 100 -12.29 -29.96 -18.83
CA PHE F 100 -12.27 -30.66 -20.10
C PHE F 100 -13.55 -31.46 -20.30
N GLY F 101 -13.89 -31.67 -21.56
CA GLY F 101 -15.06 -32.47 -21.89
C GLY F 101 -14.77 -33.95 -21.79
N THR F 102 -15.85 -34.74 -21.92
CA THR F 102 -15.72 -36.19 -21.82
C THR F 102 -14.96 -36.78 -23.00
N GLY F 103 -14.95 -36.13 -24.15
CA GLY F 103 -14.24 -36.63 -25.30
C GLY F 103 -15.14 -37.39 -26.25
N THR F 104 -14.82 -37.29 -27.54
CA THR F 104 -15.58 -37.93 -28.60
C THR F 104 -14.63 -38.48 -29.65
N LYS F 105 -14.95 -39.65 -30.18
CA LYS F 105 -14.16 -40.29 -31.22
C LYS F 105 -14.91 -40.24 -32.54
N VAL F 106 -14.21 -39.82 -33.60
CA VAL F 106 -14.78 -39.71 -34.93
C VAL F 106 -14.39 -40.94 -35.74
N THR F 107 -15.38 -41.60 -36.32
CA THR F 107 -15.17 -42.80 -37.13
C THR F 107 -15.53 -42.47 -38.57
N VAL F 108 -14.62 -42.75 -39.50
CA VAL F 108 -14.84 -42.52 -40.92
C VAL F 108 -15.24 -43.84 -41.55
N LEU F 109 -16.42 -43.86 -42.17
CA LEU F 109 -16.93 -45.07 -42.80
C LEU F 109 -16.23 -45.32 -44.13
C1 PLM G . 6.17 6.31 -8.20
O1 PLM G . 5.11 5.73 -8.54
O2 PLM G . 6.37 6.92 -7.13
C2 PLM G . 7.34 6.24 -9.20
C3 PLM G . 8.72 6.48 -8.61
C4 PLM G . 9.84 5.96 -9.51
C5 PLM G . 9.96 6.67 -10.86
C6 PLM G . 11.09 6.17 -11.75
C7 PLM G . 11.12 6.84 -13.12
C8 PLM G . 11.88 6.02 -14.17
C9 PLM G . 11.82 6.65 -15.55
CA PLM G . 12.49 5.84 -16.65
CB PLM G . 13.95 5.49 -16.39
CC PLM G . 14.73 5.22 -17.67
CD PLM G . 16.14 4.70 -17.43
CE PLM G . 17.00 4.66 -18.69
CF PLM G . 18.34 3.95 -18.53
CG PLM G . 19.17 3.96 -19.81
H21 PLM G . 7.32 5.38 -9.65
H22 PLM G . 7.17 6.89 -9.90
H31 PLM G . 8.85 7.44 -8.47
H32 PLM G . 8.77 6.07 -7.74
H41 PLM G . 10.68 6.01 -9.04
H42 PLM G . 9.69 5.02 -9.68
H51 PLM G . 10.07 7.62 -10.71
H52 PLM G . 9.11 6.57 -11.33
H61 PLM G . 11.93 6.34 -11.30
H62 PLM G . 11.03 5.21 -11.86
H71 PLM G . 11.52 7.71 -13.06
H72 PLM G . 10.21 6.98 -13.44
H81 PLM G . 12.81 5.94 -13.89
H82 PLM G . 11.53 5.13 -14.19
H91 PLM G . 10.90 6.82 -15.79
H92 PLM G . 12.24 7.53 -15.51
HA1 PLM G . 12.00 5.02 -16.77
HA2 PLM G . 12.42 6.31 -17.49
HB1 PLM G . 14.02 4.72 -15.81
HB2 PLM G . 14.37 6.22 -15.91
HC1 PLM G . 14.23 4.58 -18.21
HC2 PLM G . 14.78 6.03 -18.20
HD1 PLM G . 16.57 5.27 -16.78
HD2 PLM G . 16.10 3.81 -17.03
HE1 PLM G . 16.50 4.22 -19.41
HE2 PLM G . 17.16 5.56 -18.99
HF1 PLM G . 18.84 4.38 -17.81
HF2 PLM G . 18.20 3.04 -18.25
HG1 PLM G . 20.00 3.47 -19.70
HG2 PLM G . 18.68 3.55 -20.54
HG3 PLM G . 19.39 4.87 -20.08
#